data_2X18
#
_entry.id   2X18
#
_cell.length_a   62.475
_cell.length_b   62.401
_cell.length_c   71.411
_cell.angle_alpha   111.47
_cell.angle_beta   102.75
_cell.angle_gamma   94.36
#
_symmetry.space_group_name_H-M   'P 1'
#
loop_
_entity.id
_entity.type
_entity.pdbx_description
1 polymer 'RAC-GAMMA SERINE/THREONINE-PROTEIN KINASE'
2 non-polymer '4-(2-HYDROXYETHYL)-1-PIPERAZINE ETHANESULFONIC ACID'
3 water water
#
_entity_poly.entity_id   1
_entity_poly.type   'polypeptide(L)'
_entity_poly.pdbx_seq_one_letter_code
;SMSDVTIVKEGWVQKRGEYIKNWRPRYFLLKTDGSFIGYKEKPQDVDLPYPLNNFSVAKCQLMKTERPKPNTFIIRCLQW
TTVIERTFHVDTPEEREEWTEAIQAVADRLQRQEEERMN
;
_entity_poly.pdbx_strand_id   A,B,C,D,E,F,G,H
#
# COMPACT_ATOMS: atom_id res chain seq x y z
N VAL A 5 -17.49 -12.70 -27.97
CA VAL A 5 -17.68 -11.54 -27.03
C VAL A 5 -17.75 -12.05 -25.57
N THR A 6 -16.96 -11.44 -24.69
CA THR A 6 -16.97 -11.78 -23.26
C THR A 6 -17.19 -10.57 -22.35
N ILE A 7 -17.48 -10.85 -21.08
CA ILE A 7 -17.64 -9.82 -20.05
C ILE A 7 -16.25 -9.41 -19.54
N VAL A 8 -15.96 -8.11 -19.61
CA VAL A 8 -14.72 -7.54 -19.12
C VAL A 8 -14.84 -7.13 -17.65
N LYS A 9 -15.99 -6.54 -17.30
CA LYS A 9 -16.28 -6.16 -15.92
C LYS A 9 -17.78 -6.11 -15.77
N GLU A 10 -18.26 -6.52 -14.61
CA GLU A 10 -19.63 -6.42 -14.22
C GLU A 10 -19.74 -6.04 -12.76
N GLY A 11 -20.83 -5.39 -12.42
CA GLY A 11 -21.06 -5.10 -11.02
C GLY A 11 -22.17 -4.09 -10.83
N TRP A 12 -22.52 -3.89 -9.57
CA TRP A 12 -23.50 -2.90 -9.16
C TRP A 12 -22.93 -1.47 -9.17
N VAL A 13 -23.72 -0.56 -9.70
CA VAL A 13 -23.42 0.87 -9.69
C VAL A 13 -24.68 1.66 -9.32
N GLN A 14 -24.52 2.89 -8.86
CA GLN A 14 -25.60 3.86 -8.85
C GLN A 14 -25.46 4.66 -10.15
N LYS A 15 -26.58 4.82 -10.86
CA LYS A 15 -26.57 5.54 -12.16
C LYS A 15 -27.58 6.67 -12.09
N ARG A 16 -27.16 7.86 -12.52
CA ARG A 16 -28.12 8.96 -12.67
C ARG A 16 -29.19 8.61 -13.72
N GLY A 17 -30.42 8.95 -13.43
CA GLY A 17 -31.51 8.62 -14.35
C GLY A 17 -31.36 9.31 -15.69
N GLU A 18 -31.93 8.64 -16.68
CA GLU A 18 -31.97 9.11 -18.10
C GLU A 18 -32.91 10.30 -18.26
N TYR A 19 -33.97 10.36 -17.47
CA TYR A 19 -34.96 11.44 -17.54
C TYR A 19 -35.02 12.30 -16.28
N ILE A 20 -34.83 11.68 -15.11
CA ILE A 20 -34.88 12.38 -13.83
C ILE A 20 -33.47 12.34 -13.26
N LYS A 21 -33.03 13.48 -12.74
N LYS A 21 -33.00 13.45 -12.72
CA LYS A 21 -31.73 13.63 -12.09
CA LYS A 21 -31.59 13.58 -12.34
C LYS A 21 -31.77 13.08 -10.68
C LYS A 21 -31.13 12.49 -11.26
N ASN A 22 -31.92 11.76 -10.56
N ASN A 22 -32.08 11.93 -10.49
CA ASN A 22 -31.77 11.08 -9.29
CA ASN A 22 -31.80 11.04 -9.33
C ASN A 22 -30.73 9.98 -9.54
C ASN A 22 -30.99 9.75 -9.57
N TRP A 23 -30.42 9.23 -8.49
CA TRP A 23 -29.54 8.07 -8.58
C TRP A 23 -30.42 6.84 -8.39
N ARG A 24 -30.22 5.80 -9.20
CA ARG A 24 -30.90 4.51 -8.98
C ARG A 24 -29.88 3.37 -9.16
N PRO A 25 -30.16 2.22 -8.52
CA PRO A 25 -29.27 1.10 -8.64
C PRO A 25 -29.40 0.44 -10.00
N ARG A 26 -28.24 0.05 -10.53
CA ARG A 26 -28.17 -0.73 -11.77
C ARG A 26 -27.05 -1.77 -11.68
N TYR A 27 -27.26 -2.93 -12.29
CA TYR A 27 -26.21 -3.91 -12.46
C TYR A 27 -25.76 -3.83 -13.90
N PHE A 28 -24.50 -3.47 -14.11
CA PHE A 28 -23.96 -3.26 -15.42
C PHE A 28 -22.92 -4.32 -15.83
N LEU A 29 -22.93 -4.61 -17.11
CA LEU A 29 -21.97 -5.49 -17.78
C LEU A 29 -21.31 -4.71 -18.88
N LEU A 30 -19.98 -4.71 -18.91
CA LEU A 30 -19.18 -4.20 -20.01
C LEU A 30 -18.64 -5.37 -20.81
N LYS A 31 -18.88 -5.36 -22.11
CA LYS A 31 -18.48 -6.46 -22.98
C LYS A 31 -17.35 -6.07 -23.90
N THR A 32 -16.58 -7.04 -24.41
CA THR A 32 -15.51 -6.74 -25.38
C THR A 32 -15.90 -6.02 -26.70
N ASP A 33 -17.18 -6.05 -27.08
CA ASP A 33 -17.61 -5.34 -28.31
C ASP A 33 -17.98 -3.87 -28.08
N GLY A 34 -17.74 -3.40 -26.85
CA GLY A 34 -18.10 -2.04 -26.47
C GLY A 34 -19.50 -1.85 -25.89
N SER A 35 -20.33 -2.91 -25.84
CA SER A 35 -21.65 -2.75 -25.23
C SER A 35 -21.52 -2.62 -23.73
N PHE A 36 -22.30 -1.71 -23.18
CA PHE A 36 -22.39 -1.48 -21.76
C PHE A 36 -23.86 -1.55 -21.43
N ILE A 37 -24.23 -2.65 -20.80
CA ILE A 37 -25.63 -3.05 -20.65
C ILE A 37 -25.99 -3.06 -19.15
N GLY A 38 -27.11 -2.44 -18.81
CA GLY A 38 -27.53 -2.33 -17.42
C GLY A 38 -28.90 -2.94 -17.20
N TYR A 39 -29.09 -3.50 -16.01
CA TYR A 39 -30.31 -4.19 -15.56
C TYR A 39 -30.72 -3.66 -14.19
N LYS A 40 -31.99 -3.82 -13.82
CA LYS A 40 -32.44 -3.42 -12.46
C LYS A 40 -31.98 -4.38 -11.36
N GLU A 41 -31.58 -5.58 -11.75
CA GLU A 41 -31.10 -6.63 -10.84
C GLU A 41 -29.93 -7.33 -11.49
N LYS A 42 -29.11 -8.02 -10.69
CA LYS A 42 -28.06 -8.86 -11.23
C LYS A 42 -28.79 -9.87 -12.08
N PRO A 43 -28.44 -9.95 -13.36
CA PRO A 43 -29.38 -10.61 -14.27
C PRO A 43 -29.43 -12.11 -14.06
N GLN A 44 -30.63 -12.61 -13.90
CA GLN A 44 -30.84 -14.06 -14.04
C GLN A 44 -30.57 -14.30 -15.52
N ASP A 45 -30.02 -15.47 -15.88
CA ASP A 45 -29.76 -15.80 -17.28
C ASP A 45 -30.98 -15.50 -18.16
N VAL A 46 -32.17 -15.91 -17.68
CA VAL A 46 -33.45 -15.65 -18.35
C VAL A 46 -33.70 -14.17 -18.74
N ASP A 47 -33.21 -13.21 -17.95
CA ASP A 47 -33.53 -11.79 -18.15
C ASP A 47 -32.50 -11.02 -18.99
N LEU A 48 -31.39 -11.69 -19.31
CA LEU A 48 -30.29 -11.09 -20.09
C LEU A 48 -30.71 -10.45 -21.41
N PRO A 49 -31.71 -11.03 -22.11
CA PRO A 49 -32.09 -10.34 -23.35
C PRO A 49 -32.89 -9.03 -23.15
N TYR A 50 -33.31 -8.74 -21.90
CA TYR A 50 -34.14 -7.57 -21.59
C TYR A 50 -33.47 -6.52 -20.66
N PRO A 51 -32.36 -5.94 -21.11
CA PRO A 51 -31.74 -4.86 -20.31
C PRO A 51 -32.57 -3.58 -20.28
N LEU A 52 -32.36 -2.79 -19.23
CA LEU A 52 -32.93 -1.45 -19.10
C LEU A 52 -32.12 -0.41 -19.88
N ASN A 53 -30.79 -0.56 -19.82
CA ASN A 53 -29.84 0.33 -20.45
C ASN A 53 -28.99 -0.46 -21.44
N ASN A 54 -28.70 0.13 -22.60
CA ASN A 54 -27.87 -0.49 -23.62
C ASN A 54 -27.23 0.57 -24.49
N PHE A 55 -25.97 0.81 -24.27
CA PHE A 55 -25.25 1.78 -25.09
C PHE A 55 -23.82 1.33 -25.36
N SER A 56 -23.16 1.99 -26.29
CA SER A 56 -21.79 1.65 -26.66
C SER A 56 -20.82 2.64 -26.05
N VAL A 57 -19.68 2.14 -25.59
CA VAL A 57 -18.64 3.03 -25.07
C VAL A 57 -17.54 3.37 -26.10
N ALA A 58 -17.76 2.97 -27.35
CA ALA A 58 -16.84 3.32 -28.40
C ALA A 58 -16.58 4.80 -28.47
N LYS A 59 -15.32 5.20 -28.57
CA LYS A 59 -14.88 6.58 -28.69
C LYS A 59 -15.36 7.46 -27.57
N CYS A 60 -15.53 6.84 -26.39
CA CYS A 60 -15.99 7.68 -25.24
C CYS A 60 -14.89 8.57 -24.64
N GLN A 61 -15.32 9.60 -23.91
CA GLN A 61 -14.48 10.38 -23.02
C GLN A 61 -14.95 10.08 -21.63
N LEU A 62 -13.99 10.05 -20.69
CA LEU A 62 -14.24 9.67 -19.31
C LEU A 62 -13.72 10.76 -18.35
N MET A 63 -14.49 11.04 -17.29
CA MET A 63 -14.10 11.96 -16.22
C MET A 63 -14.39 11.32 -14.92
N LYS A 64 -13.51 11.54 -13.93
CA LYS A 64 -13.67 11.05 -12.57
C LYS A 64 -13.81 12.25 -11.66
N THR A 65 -14.79 12.22 -10.74
CA THR A 65 -15.08 13.33 -9.87
C THR A 65 -15.43 12.82 -8.50
N GLU A 66 -15.43 13.72 -7.52
CA GLU A 66 -15.79 13.36 -6.13
C GLU A 66 -16.99 14.11 -5.58
N ARG A 67 -17.60 14.98 -6.37
CA ARG A 67 -18.74 15.81 -5.92
C ARG A 67 -19.76 15.86 -7.07
N PRO A 68 -21.06 15.76 -6.73
CA PRO A 68 -21.58 15.62 -5.37
C PRO A 68 -21.31 14.29 -4.67
N LYS A 69 -21.07 13.22 -5.42
CA LYS A 69 -20.81 11.92 -4.78
C LYS A 69 -19.36 11.46 -4.95
N PRO A 70 -18.71 10.94 -3.90
CA PRO A 70 -17.41 10.34 -4.08
C PRO A 70 -17.44 9.20 -5.08
N ASN A 71 -16.30 8.95 -5.72
CA ASN A 71 -16.14 7.76 -6.57
C ASN A 71 -17.12 7.80 -7.76
N THR A 72 -17.29 8.98 -8.36
CA THR A 72 -18.14 9.12 -9.54
C THR A 72 -17.30 9.02 -10.80
N PHE A 73 -17.84 8.35 -11.81
CA PHE A 73 -17.31 8.46 -13.15
C PHE A 73 -18.41 8.88 -14.14
N ILE A 74 -17.99 9.60 -15.18
CA ILE A 74 -18.87 10.17 -16.17
C ILE A 74 -18.37 9.77 -17.55
N ILE A 75 -19.29 9.25 -18.36
CA ILE A 75 -19.02 8.83 -19.75
C ILE A 75 -19.71 9.80 -20.69
N ARG A 76 -19.00 10.22 -21.73
CA ARG A 76 -19.56 11.12 -22.77
C ARG A 76 -19.20 10.56 -24.15
N CYS A 77 -20.19 10.48 -25.05
CA CYS A 77 -20.00 10.14 -26.45
C CYS A 77 -20.73 11.19 -27.29
N LEU A 78 -20.14 11.46 -28.46
CA LEU A 78 -20.59 12.54 -29.35
C LEU A 78 -22.04 12.47 -29.73
N GLN A 79 -22.50 11.26 -30.01
CA GLN A 79 -23.81 11.08 -30.54
C GLN A 79 -24.92 11.04 -29.47
N TRP A 80 -24.58 11.21 -28.19
CA TRP A 80 -25.57 11.22 -27.09
C TRP A 80 -26.14 12.63 -26.87
N THR A 81 -26.94 13.10 -27.81
CA THR A 81 -27.31 14.54 -27.86
C THR A 81 -28.48 14.97 -26.96
N THR A 82 -29.19 13.99 -26.39
CA THR A 82 -30.26 14.20 -25.39
C THR A 82 -29.73 14.22 -23.97
N VAL A 83 -29.03 13.13 -23.59
CA VAL A 83 -28.52 13.00 -22.21
C VAL A 83 -27.20 13.72 -21.99
N ILE A 84 -26.43 13.90 -23.07
CA ILE A 84 -25.10 14.50 -23.06
C ILE A 84 -24.05 13.55 -22.44
N GLU A 85 -24.32 13.11 -21.22
CA GLU A 85 -23.36 12.29 -20.48
C GLU A 85 -24.11 11.37 -19.54
N ARG A 86 -23.48 10.26 -19.22
CA ARG A 86 -24.07 9.32 -18.29
C ARG A 86 -23.14 9.22 -17.09
N THR A 87 -23.75 9.24 -15.91
CA THR A 87 -23.04 9.45 -14.64
C THR A 87 -23.33 8.30 -13.67
N PHE A 88 -22.22 7.81 -13.07
CA PHE A 88 -22.20 6.64 -12.23
C PHE A 88 -21.42 6.89 -10.95
N HIS A 89 -21.82 6.22 -9.87
CA HIS A 89 -20.93 6.18 -8.70
C HIS A 89 -20.93 4.83 -8.05
N VAL A 90 -19.79 4.52 -7.45
CA VAL A 90 -19.56 3.25 -6.78
C VAL A 90 -19.03 3.49 -5.37
N ASP A 91 -18.88 2.42 -4.58
CA ASP A 91 -18.63 2.60 -3.17
C ASP A 91 -17.18 2.85 -2.80
N THR A 92 -16.24 2.53 -3.67
CA THR A 92 -14.81 2.75 -3.39
C THR A 92 -14.07 3.31 -4.56
N PRO A 93 -12.95 4.01 -4.32
CA PRO A 93 -12.20 4.54 -5.44
C PRO A 93 -11.61 3.45 -6.29
N GLU A 94 -11.24 2.34 -5.68
CA GLU A 94 -10.67 1.21 -6.40
C GLU A 94 -11.66 0.60 -7.41
N GLU A 95 -12.90 0.47 -7.01
CA GLU A 95 -13.94 0.00 -7.93
C GLU A 95 -14.15 0.98 -9.08
N ARG A 96 -14.14 2.29 -8.78
CA ARG A 96 -14.33 3.30 -9.82
C ARG A 96 -13.21 3.19 -10.86
N GLU A 97 -11.97 3.02 -10.40
CA GLU A 97 -10.83 2.96 -11.31
C GLU A 97 -10.89 1.67 -12.15
N GLU A 98 -11.33 0.56 -11.58
CA GLU A 98 -11.57 -0.66 -12.36
C GLU A 98 -12.51 -0.40 -13.57
N TRP A 99 -13.63 0.29 -13.33
CA TRP A 99 -14.58 0.58 -14.39
C TRP A 99 -13.95 1.50 -15.41
N THR A 100 -13.32 2.59 -15.01
CA THR A 100 -12.75 3.50 -16.00
C THR A 100 -11.58 2.92 -16.74
N GLU A 101 -10.76 2.11 -16.10
CA GLU A 101 -9.76 1.34 -16.85
C GLU A 101 -10.38 0.40 -17.87
N ALA A 102 -11.38 -0.38 -17.46
CA ALA A 102 -11.96 -1.36 -18.29
C ALA A 102 -12.62 -0.71 -19.50
N ILE A 103 -13.37 0.37 -19.25
CA ILE A 103 -14.08 1.11 -20.33
C ILE A 103 -13.06 1.60 -21.34
N GLN A 104 -12.01 2.28 -20.86
CA GLN A 104 -11.04 2.82 -21.84
C GLN A 104 -10.33 1.71 -22.60
N ALA A 105 -10.03 0.62 -21.92
CA ALA A 105 -9.39 -0.54 -22.60
C ALA A 105 -10.23 -1.14 -23.71
N VAL A 106 -11.54 -1.27 -23.47
CA VAL A 106 -12.46 -1.73 -24.50
C VAL A 106 -12.50 -0.72 -25.67
N ALA A 107 -12.66 0.56 -25.35
CA ALA A 107 -12.69 1.58 -26.39
C ALA A 107 -11.41 1.54 -27.20
N ASP A 108 -10.25 1.37 -26.56
CA ASP A 108 -8.97 1.40 -27.31
C ASP A 108 -8.87 0.21 -28.24
N ARG A 109 -9.35 -0.94 -27.81
CA ARG A 109 -9.34 -2.14 -28.68
C ARG A 109 -10.21 -1.98 -29.87
N LEU A 110 -11.36 -1.35 -29.69
CA LEU A 110 -12.23 -1.11 -30.81
C LEU A 110 -11.55 -0.19 -31.83
N GLN A 111 -10.79 0.80 -31.36
CA GLN A 111 -10.09 1.73 -32.28
C GLN A 111 -8.91 1.01 -33.01
N ARG A 112 -8.20 0.13 -32.32
CA ARG A 112 -7.14 -0.64 -33.01
C ARG A 112 -7.73 -1.67 -33.98
N GLN A 113 -8.94 -2.18 -33.68
CA GLN A 113 -9.61 -3.12 -34.59
C GLN A 113 -9.97 -2.51 -35.95
N GLU A 114 -10.26 -1.22 -36.00
CA GLU A 114 -10.44 -0.53 -37.30
C GLU A 114 -9.08 -0.34 -38.02
N GLU A 115 -8.11 0.28 -37.35
CA GLU A 115 -6.76 0.48 -37.89
C GLU A 115 -6.15 -0.81 -38.45
N VAL B 5 9.59 -40.53 1.41
CA VAL B 5 9.15 -39.39 2.29
C VAL B 5 9.08 -39.78 3.78
N THR B 6 9.82 -39.09 4.62
CA THR B 6 9.86 -39.43 6.04
C THR B 6 9.52 -38.18 6.84
N ILE B 7 9.31 -38.38 8.13
CA ILE B 7 9.00 -37.32 9.04
C ILE B 7 10.31 -36.78 9.61
N VAL B 8 10.53 -35.47 9.42
CA VAL B 8 11.71 -34.74 9.92
C VAL B 8 11.54 -34.31 11.41
N LYS B 9 10.35 -33.80 11.72
CA LYS B 9 9.99 -33.41 13.10
C LYS B 9 8.47 -33.52 13.25
N GLU B 10 8.00 -33.96 14.40
CA GLU B 10 6.61 -33.94 14.72
C GLU B 10 6.43 -33.57 16.18
N GLY B 11 5.32 -32.94 16.47
CA GLY B 11 5.00 -32.57 17.82
C GLY B 11 3.88 -31.59 17.99
N TRP B 12 3.55 -31.36 19.25
CA TRP B 12 2.54 -30.37 19.62
C TRP B 12 3.08 -28.95 19.49
N VAL B 13 2.25 -28.10 18.89
CA VAL B 13 2.51 -26.64 18.80
C VAL B 13 1.20 -25.95 19.11
N GLN B 14 1.26 -24.68 19.45
CA GLN B 14 0.13 -23.80 19.44
C GLN B 14 0.16 -23.04 18.16
N LYS B 15 -1.00 -22.94 17.52
CA LYS B 15 -1.14 -22.26 16.23
C LYS B 15 -2.27 -21.28 16.27
N ARG B 16 -2.03 -20.09 15.75
CA ARG B 16 -3.13 -19.10 15.62
C ARG B 16 -4.07 -19.58 14.53
N GLY B 17 -5.36 -19.45 14.80
CA GLY B 17 -6.39 -19.79 13.84
C GLY B 17 -6.37 -18.93 12.62
N GLU B 18 -6.90 -19.52 11.57
CA GLU B 18 -6.93 -18.86 10.29
C GLU B 18 -8.17 -17.94 10.15
N TYR B 19 -9.23 -18.16 10.91
CA TYR B 19 -10.38 -17.24 10.89
C TYR B 19 -10.39 -16.46 12.22
N ILE B 20 -10.53 -17.16 13.34
CA ILE B 20 -10.37 -16.58 14.69
C ILE B 20 -8.91 -16.76 15.07
N LYS B 21 -8.25 -15.70 15.46
CA LYS B 21 -6.81 -15.71 15.62
C LYS B 21 -6.30 -16.26 16.93
N ASN B 22 -7.18 -16.80 17.75
CA ASN B 22 -6.81 -17.45 18.99
C ASN B 22 -5.80 -18.57 18.80
N TRP B 23 -4.98 -18.79 19.81
CA TRP B 23 -4.07 -19.93 19.83
C TRP B 23 -4.86 -21.20 20.08
N ARG B 24 -4.58 -22.25 19.31
CA ARG B 24 -5.16 -23.56 19.56
C ARG B 24 -4.06 -24.64 19.44
N PRO B 25 -4.15 -25.69 20.26
CA PRO B 25 -3.15 -26.76 20.15
C PRO B 25 -3.32 -27.62 18.91
N ARG B 26 -2.22 -27.96 18.21
CA ARG B 26 -2.26 -28.80 17.04
C ARG B 26 -1.06 -29.71 17.06
N TYR B 27 -1.20 -30.92 16.54
CA TYR B 27 -0.10 -31.86 16.48
C TYR B 27 0.35 -31.87 15.01
N PHE B 28 1.56 -31.37 14.79
CA PHE B 28 2.08 -31.18 13.44
C PHE B 28 3.20 -32.15 13.10
N LEU B 29 3.24 -32.51 11.83
CA LEU B 29 4.26 -33.37 11.23
C LEU B 29 4.88 -32.63 10.06
N LEU B 30 6.19 -32.48 10.06
CA LEU B 30 6.93 -31.92 8.94
C LEU B 30 7.60 -33.08 8.20
N LYS B 31 7.32 -33.21 6.90
CA LYS B 31 7.92 -34.29 6.10
C LYS B 31 8.94 -33.75 5.09
N THR B 32 9.79 -34.66 4.60
CA THR B 32 10.90 -34.30 3.72
C THR B 32 10.42 -33.75 2.38
N ASP B 33 9.14 -33.95 2.03
CA ASP B 33 8.57 -33.39 0.79
C ASP B 33 8.02 -31.97 0.97
N GLY B 34 8.21 -31.41 2.16
CA GLY B 34 7.76 -30.05 2.45
C GLY B 34 6.38 -29.92 3.06
N SER B 35 5.66 -31.04 3.20
CA SER B 35 4.32 -31.03 3.73
C SER B 35 4.40 -30.74 5.22
N PHE B 36 3.60 -29.80 5.68
CA PHE B 36 3.48 -29.48 7.09
C PHE B 36 2.03 -29.69 7.44
N ILE B 37 1.77 -30.78 8.13
CA ILE B 37 0.41 -31.29 8.30
C ILE B 37 0.02 -31.32 9.76
N GLY B 38 -1.16 -30.76 10.06
CA GLY B 38 -1.59 -30.58 11.42
C GLY B 38 -2.89 -31.32 11.70
N TYR B 39 -2.94 -31.93 12.88
CA TYR B 39 -4.09 -32.71 13.34
C TYR B 39 -4.57 -32.26 14.73
N LYS B 40 -5.80 -32.66 15.12
CA LYS B 40 -6.33 -32.33 16.44
C LYS B 40 -5.65 -33.06 17.57
N GLU B 41 -5.08 -34.24 17.28
CA GLU B 41 -4.29 -35.02 18.23
C GLU B 41 -3.22 -35.77 17.45
N LYS B 42 -2.30 -36.43 18.16
CA LYS B 42 -1.33 -37.27 17.48
C LYS B 42 -2.10 -38.30 16.65
N PRO B 43 -1.85 -38.35 15.32
CA PRO B 43 -2.78 -39.10 14.46
C PRO B 43 -2.66 -40.63 14.55
N GLN B 44 -3.80 -41.26 14.77
CA GLN B 44 -3.91 -42.70 14.52
C GLN B 44 -3.85 -42.95 13.02
N ASP B 45 -3.45 -44.16 12.60
CA ASP B 45 -3.30 -44.43 11.17
C ASP B 45 -4.55 -44.06 10.38
N VAL B 46 -5.72 -44.46 10.89
CA VAL B 46 -6.97 -44.21 10.20
C VAL B 46 -7.21 -42.72 9.98
N ASP B 47 -6.63 -41.88 10.85
CA ASP B 47 -6.86 -40.43 10.76
C ASP B 47 -5.85 -39.68 9.86
N LEU B 48 -4.79 -40.36 9.44
CA LEU B 48 -3.76 -39.75 8.57
C LEU B 48 -4.27 -39.02 7.31
N PRO B 49 -5.31 -39.56 6.62
CA PRO B 49 -5.80 -38.85 5.42
C PRO B 49 -6.67 -37.61 5.69
N TYR B 50 -6.93 -37.28 6.96
CA TYR B 50 -7.88 -36.24 7.33
C TYR B 50 -7.32 -35.14 8.26
N PRO B 51 -6.27 -34.45 7.81
CA PRO B 51 -5.65 -33.40 8.67
C PRO B 51 -6.51 -32.12 8.80
N LEU B 52 -6.36 -31.34 9.86
CA LEU B 52 -7.01 -30.03 9.94
C LEU B 52 -6.26 -28.97 9.14
N ASN B 53 -4.95 -29.14 9.03
CA ASN B 53 -4.08 -28.18 8.32
C ASN B 53 -3.16 -28.94 7.39
N ASN B 54 -2.88 -28.38 6.22
CA ASN B 54 -1.94 -29.00 5.31
C ASN B 54 -1.42 -27.96 4.35
N PHE B 55 -0.18 -27.55 4.56
CA PHE B 55 0.45 -26.61 3.63
C PHE B 55 1.93 -26.91 3.42
N SER B 56 2.51 -26.29 2.40
CA SER B 56 3.89 -26.53 2.05
C SER B 56 4.79 -25.47 2.62
N VAL B 57 5.99 -25.89 3.04
CA VAL B 57 7.01 -24.94 3.47
C VAL B 57 8.00 -24.59 2.36
N ALA B 58 7.77 -25.07 1.14
CA ALA B 58 8.64 -24.71 0.02
C ALA B 58 8.68 -23.21 -0.13
N LYS B 59 9.91 -22.71 -0.28
CA LYS B 59 10.20 -21.29 -0.47
C LYS B 59 9.78 -20.40 0.69
N CYS B 60 9.57 -20.97 1.87
CA CYS B 60 9.12 -20.16 2.99
C CYS B 60 10.19 -19.24 3.57
N GLN B 61 9.73 -18.20 4.24
CA GLN B 61 10.59 -17.33 5.09
C GLN B 61 10.12 -17.55 6.54
N LEU B 62 11.06 -17.41 7.46
CA LEU B 62 10.82 -17.64 8.88
C LEU B 62 11.20 -16.45 9.70
N MET B 63 10.39 -16.12 10.70
CA MET B 63 10.70 -15.05 11.64
C MET B 63 10.45 -15.62 13.01
N LYS B 64 11.30 -15.31 13.95
CA LYS B 64 11.13 -15.66 15.36
C LYS B 64 10.90 -14.42 16.19
N THR B 65 9.95 -14.47 17.11
CA THR B 65 9.53 -13.29 17.89
C THR B 65 9.19 -13.73 19.32
N GLU B 66 9.13 -12.78 20.23
CA GLU B 66 8.81 -13.06 21.64
C GLU B 66 7.54 -12.35 22.12
N ARG B 67 6.91 -11.56 21.27
CA ARG B 67 5.75 -10.79 21.66
C ARG B 67 4.74 -10.90 20.56
N PRO B 68 3.46 -11.08 20.92
CA PRO B 68 2.93 -11.13 22.28
C PRO B 68 3.35 -12.37 23.09
N LYS B 69 3.72 -13.47 22.43
CA LYS B 69 4.04 -14.72 23.11
C LYS B 69 5.48 -15.16 22.95
N PRO B 70 6.18 -15.46 24.03
CA PRO B 70 7.50 -16.07 23.91
C PRO B 70 7.53 -17.29 22.99
N ASN B 71 8.67 -17.49 22.34
CA ASN B 71 8.95 -18.68 21.55
C ASN B 71 8.01 -18.83 20.36
N THR B 72 7.67 -17.69 19.77
CA THR B 72 6.89 -17.67 18.58
C THR B 72 7.73 -17.82 17.32
N PHE B 73 7.18 -18.56 16.35
CA PHE B 73 7.72 -18.57 14.98
C PHE B 73 6.62 -18.35 13.99
N ILE B 74 6.94 -17.55 12.96
CA ILE B 74 6.02 -17.17 11.86
C ILE B 74 6.58 -17.69 10.55
N ILE B 75 5.74 -18.43 9.84
CA ILE B 75 6.07 -18.97 8.53
C ILE B 75 5.36 -18.14 7.51
N ARG B 76 6.14 -17.44 6.66
CA ARG B 76 5.63 -16.72 5.51
C ARG B 76 5.71 -17.59 4.26
N CYS B 77 4.57 -17.80 3.59
CA CYS B 77 4.60 -18.61 2.36
C CYS B 77 3.97 -17.92 1.20
N LEU B 78 4.36 -18.32 -0.03
CA LEU B 78 3.67 -17.94 -1.24
C LEU B 78 2.98 -19.20 -1.74
N GLN B 79 1.64 -19.22 -1.65
CA GLN B 79 0.82 -20.24 -2.29
C GLN B 79 0.49 -19.61 -3.61
N TRP B 80 1.03 -20.18 -4.70
CA TRP B 80 0.93 -19.58 -6.02
C TRP B 80 1.70 -18.24 -5.92
N THR B 81 1.00 -17.11 -5.96
CA THR B 81 1.63 -15.79 -5.64
C THR B 81 1.15 -15.18 -4.30
N THR B 82 0.35 -15.94 -3.56
CA THR B 82 -0.34 -15.42 -2.38
C THR B 82 0.50 -15.66 -1.14
N VAL B 83 0.74 -14.56 -0.41
CA VAL B 83 1.52 -14.53 0.82
C VAL B 83 0.55 -14.82 1.98
N ILE B 84 0.78 -15.90 2.72
CA ILE B 84 0.04 -16.17 3.95
C ILE B 84 1.05 -16.33 5.06
N GLU B 85 0.81 -15.68 6.20
CA GLU B 85 1.66 -15.81 7.39
C GLU B 85 0.90 -16.68 8.39
N ARG B 86 1.55 -17.75 8.81
CA ARG B 86 1.00 -18.64 9.82
C ARG B 86 1.90 -18.58 11.06
N THR B 87 1.26 -18.50 12.22
CA THR B 87 1.92 -18.10 13.46
C THR B 87 1.76 -19.22 14.48
N PHE B 88 2.92 -19.65 15.03
CA PHE B 88 3.02 -20.78 15.97
C PHE B 88 3.78 -20.39 17.23
N HIS B 89 3.57 -21.07 18.35
CA HIS B 89 4.55 -20.98 19.43
C HIS B 89 4.64 -22.29 20.13
N VAL B 90 5.78 -22.49 20.80
CA VAL B 90 6.08 -23.64 21.65
C VAL B 90 6.52 -23.18 23.04
N ASP B 91 6.91 -24.09 23.94
CA ASP B 91 7.09 -23.62 25.31
C ASP B 91 8.55 -23.33 25.69
N THR B 92 9.52 -23.61 24.81
CA THR B 92 10.93 -23.30 25.08
C THR B 92 11.63 -22.84 23.82
N PRO B 93 12.68 -22.03 23.95
CA PRO B 93 13.40 -21.59 22.74
C PRO B 93 14.07 -22.73 21.97
N GLU B 94 14.52 -23.76 22.70
CA GLU B 94 15.14 -24.92 22.11
C GLU B 94 14.16 -25.66 21.20
N GLU B 95 12.91 -25.81 21.66
CA GLU B 95 11.91 -26.49 20.83
C GLU B 95 11.63 -25.65 19.57
N ARG B 96 11.53 -24.32 19.78
CA ARG B 96 11.31 -23.45 18.63
C ARG B 96 12.43 -23.61 17.63
N GLU B 97 13.67 -23.64 18.10
CA GLU B 97 14.79 -23.69 17.16
C GLU B 97 14.86 -25.04 16.42
N GLU B 98 14.40 -26.11 17.06
CA GLU B 98 14.25 -27.38 16.38
C GLU B 98 13.31 -27.25 15.18
N TRP B 99 12.13 -26.65 15.37
CA TRP B 99 11.21 -26.44 14.28
C TRP B 99 11.75 -25.55 13.17
N THR B 100 12.36 -24.42 13.54
CA THR B 100 12.80 -23.48 12.52
C THR B 100 14.03 -23.96 11.76
N GLU B 101 14.89 -24.71 12.43
CA GLU B 101 15.99 -25.41 11.74
C GLU B 101 15.44 -26.44 10.77
N ALA B 102 14.48 -27.23 11.23
CA ALA B 102 13.95 -28.31 10.43
C ALA B 102 13.22 -27.78 9.19
N ILE B 103 12.38 -26.78 9.39
CA ILE B 103 11.61 -26.23 8.30
C ILE B 103 12.56 -25.66 7.24
N GLN B 104 13.53 -24.85 7.68
CA GLN B 104 14.49 -24.29 6.76
C GLN B 104 15.31 -25.37 6.01
N ALA B 105 15.74 -26.40 6.72
CA ALA B 105 16.49 -27.48 6.05
C ALA B 105 15.64 -28.26 5.03
N VAL B 106 14.38 -28.54 5.34
CA VAL B 106 13.44 -29.09 4.34
C VAL B 106 13.27 -28.14 3.16
N ALA B 107 13.04 -26.85 3.39
CA ALA B 107 12.94 -25.90 2.30
C ALA B 107 14.18 -25.88 1.42
N ASP B 108 15.36 -25.91 2.05
CA ASP B 108 16.62 -25.86 1.30
C ASP B 108 16.76 -27.11 0.43
N ARG B 109 16.36 -28.27 0.96
CA ARG B 109 16.42 -29.55 0.17
C ARG B 109 15.51 -29.44 -1.06
N LEU B 110 14.31 -28.91 -0.85
CA LEU B 110 13.30 -28.78 -1.91
C LEU B 110 13.78 -27.80 -3.00
N GLN B 111 14.47 -26.75 -2.58
CA GLN B 111 15.00 -25.80 -3.54
C GLN B 111 16.14 -26.40 -4.39
N ARG B 112 17.06 -27.13 -3.75
CA ARG B 112 18.09 -27.88 -4.48
C ARG B 112 17.44 -28.84 -5.52
N GLN B 113 16.38 -29.53 -5.12
CA GLN B 113 15.73 -30.51 -5.97
C GLN B 113 15.01 -29.86 -7.15
N GLU B 114 14.37 -28.72 -6.92
CA GLU B 114 13.76 -27.95 -8.01
C GLU B 114 14.81 -27.50 -9.01
N GLU B 115 15.92 -26.96 -8.52
CA GLU B 115 17.04 -26.54 -9.40
C GLU B 115 17.64 -27.70 -10.23
N GLU B 116 17.57 -28.90 -9.67
CA GLU B 116 18.03 -30.12 -10.34
C GLU B 116 17.05 -30.55 -11.41
N ARG B 117 15.76 -30.38 -11.15
CA ARG B 117 14.72 -30.80 -12.10
C ARG B 117 14.65 -29.82 -13.27
N MET B 118 14.62 -28.52 -12.95
CA MET B 118 14.58 -27.47 -13.96
C MET B 118 15.99 -27.10 -14.44
N VAL C 5 -20.14 -25.90 2.85
CA VAL C 5 -20.23 -24.71 3.78
C VAL C 5 -20.28 -25.13 5.25
N THR C 6 -19.49 -24.47 6.11
CA THR C 6 -19.46 -24.79 7.53
C THR C 6 -19.56 -23.55 8.40
N ILE C 7 -19.71 -23.78 9.69
CA ILE C 7 -19.84 -22.70 10.67
C ILE C 7 -18.44 -22.25 11.11
N VAL C 8 -18.19 -20.96 10.97
CA VAL C 8 -16.91 -20.39 11.41
C VAL C 8 -16.98 -19.95 12.89
N LYS C 9 -18.10 -19.37 13.27
CA LYS C 9 -18.34 -18.95 14.67
C LYS C 9 -19.83 -18.88 14.91
N GLU C 10 -20.24 -19.27 16.11
CA GLU C 10 -21.64 -19.16 16.50
C GLU C 10 -21.73 -18.79 17.96
N GLY C 11 -22.74 -18.06 18.33
CA GLY C 11 -22.93 -17.69 19.71
C GLY C 11 -23.97 -16.63 19.91
N TRP C 12 -24.27 -16.35 21.18
CA TRP C 12 -25.19 -15.28 21.56
C TRP C 12 -24.56 -13.91 21.38
N VAL C 13 -25.34 -13.00 20.78
CA VAL C 13 -25.01 -11.59 20.72
C VAL C 13 -26.25 -10.76 21.10
N GLN C 14 -26.05 -9.51 21.49
CA GLN C 14 -27.13 -8.52 21.52
C GLN C 14 -27.10 -7.79 20.19
N LYS C 15 -28.27 -7.60 19.56
CA LYS C 15 -28.35 -6.92 18.26
C LYS C 15 -29.43 -5.86 18.33
N ARG C 16 -29.13 -4.68 17.80
CA ARG C 16 -30.16 -3.66 17.63
C ARG C 16 -31.16 -4.11 16.55
N GLY C 17 -32.46 -3.87 16.77
CA GLY C 17 -33.47 -4.27 15.82
C GLY C 17 -33.34 -3.56 14.50
N GLU C 18 -33.87 -4.20 13.47
CA GLU C 18 -33.90 -3.64 12.13
C GLU C 18 -34.86 -2.45 12.00
N TYR C 19 -35.95 -2.52 12.73
CA TYR C 19 -37.01 -1.49 12.71
C TYR C 19 -37.05 -0.65 13.99
N ILE C 20 -36.86 -1.30 15.14
CA ILE C 20 -36.89 -0.69 16.50
C ILE C 20 -35.47 -0.90 17.04
N LYS C 21 -34.83 0.19 17.43
CA LYS C 21 -33.39 0.21 17.70
C LYS C 21 -32.93 -0.51 18.99
N ASN C 22 -33.86 -0.94 19.83
CA ASN C 22 -33.61 -1.68 21.11
C ASN C 22 -32.73 -2.87 20.88
N TRP C 23 -31.85 -3.12 21.83
CA TRP C 23 -31.04 -4.32 21.87
C TRP C 23 -31.93 -5.55 22.15
N ARG C 24 -31.71 -6.64 21.39
CA ARG C 24 -32.39 -7.92 21.68
C ARG C 24 -31.34 -9.05 21.61
N PRO C 25 -31.46 -10.05 22.45
CA PRO C 25 -30.58 -11.20 22.42
C PRO C 25 -30.90 -12.08 21.20
N ARG C 26 -29.88 -12.50 20.49
CA ARG C 26 -30.02 -13.29 19.32
C ARG C 26 -28.88 -14.29 19.20
N TYR C 27 -29.16 -15.46 18.66
CA TYR C 27 -28.14 -16.48 18.46
C TYR C 27 -27.72 -16.50 17.00
N PHE C 28 -26.46 -16.14 16.72
CA PHE C 28 -25.99 -15.98 15.36
C PHE C 28 -24.97 -17.06 14.98
N LEU C 29 -25.00 -17.42 13.71
CA LEU C 29 -24.02 -18.30 13.08
C LEU C 29 -23.43 -17.56 11.88
N LEU C 30 -22.11 -17.59 11.76
CA LEU C 30 -21.39 -17.10 10.61
C LEU C 30 -20.93 -18.30 9.82
N LYS C 31 -21.34 -18.37 8.55
CA LYS C 31 -20.98 -19.44 7.63
C LYS C 31 -19.82 -19.06 6.72
N THR C 32 -19.10 -20.07 6.22
CA THR C 32 -18.02 -19.85 5.27
C THR C 32 -18.44 -19.20 3.93
N ASP C 33 -19.72 -19.29 3.57
CA ASP C 33 -20.19 -18.64 2.36
C ASP C 33 -20.60 -17.19 2.57
N GLY C 34 -20.35 -16.66 3.77
CA GLY C 34 -20.62 -15.26 4.07
C GLY C 34 -21.96 -14.97 4.71
N SER C 35 -22.82 -15.97 4.82
CA SER C 35 -24.11 -15.80 5.50
C SER C 35 -23.94 -15.61 6.99
N PHE C 36 -24.62 -14.59 7.49
CA PHE C 36 -24.67 -14.32 8.94
C PHE C 36 -26.14 -14.43 9.28
N ILE C 37 -26.46 -15.49 10.03
CA ILE C 37 -27.84 -15.92 10.28
C ILE C 37 -28.18 -15.91 11.76
N GLY C 38 -29.31 -15.28 12.11
CA GLY C 38 -29.69 -15.05 13.48
C GLY C 38 -31.04 -15.70 13.79
N TYR C 39 -31.13 -16.21 15.01
CA TYR C 39 -32.32 -16.93 15.52
C TYR C 39 -32.67 -16.44 16.92
N LYS C 40 -33.89 -16.69 17.40
CA LYS C 40 -34.26 -16.26 18.77
C LYS C 40 -33.63 -17.13 19.85
N GLU C 41 -33.12 -18.29 19.44
CA GLU C 41 -32.50 -19.28 20.31
C GLU C 41 -31.50 -20.09 19.51
N LYS C 42 -30.62 -20.84 20.19
CA LYS C 42 -29.74 -21.72 19.48
C LYS C 42 -30.63 -22.66 18.66
N PRO C 43 -30.46 -22.68 17.33
CA PRO C 43 -31.51 -23.26 16.48
C PRO C 43 -31.62 -24.79 16.52
N GLN C 44 -32.84 -25.28 16.63
CA GLN C 44 -33.06 -26.69 16.35
C GLN C 44 -32.85 -26.91 14.86
N ASP C 45 -32.45 -28.11 14.48
CA ASP C 45 -32.15 -28.36 13.06
C ASP C 45 -33.41 -28.03 12.22
N VAL C 46 -34.59 -28.48 12.65
CA VAL C 46 -35.83 -28.20 11.87
C VAL C 46 -36.18 -26.70 11.71
N ASP C 47 -35.59 -25.82 12.55
CA ASP C 47 -35.83 -24.38 12.51
C ASP C 47 -34.78 -23.63 11.70
N LEU C 48 -33.72 -24.33 11.29
CA LEU C 48 -32.65 -23.69 10.50
C LEU C 48 -33.10 -22.95 9.25
N PRO C 49 -34.13 -23.43 8.51
CA PRO C 49 -34.56 -22.65 7.35
C PRO C 49 -35.37 -21.38 7.64
N TYR C 50 -35.61 -21.07 8.92
CA TYR C 50 -36.49 -19.95 9.31
C TYR C 50 -35.76 -18.98 10.24
N PRO C 51 -34.63 -18.44 9.78
CA PRO C 51 -33.93 -17.48 10.65
C PRO C 51 -34.68 -16.17 10.73
N LEU C 52 -34.50 -15.44 11.84
CA LEU C 52 -34.97 -14.06 11.96
C LEU C 52 -34.15 -13.05 11.14
N ASN C 53 -32.85 -13.30 11.03
CA ASN C 53 -31.94 -12.45 10.25
C ASN C 53 -31.12 -13.31 9.34
N ASN C 54 -30.81 -12.80 8.15
CA ASN C 54 -29.90 -13.51 7.21
C ASN C 54 -29.36 -12.51 6.23
N PHE C 55 -28.14 -12.09 6.46
CA PHE C 55 -27.48 -11.20 5.51
C PHE C 55 -26.03 -11.64 5.28
N SER C 56 -25.45 -11.12 4.20
CA SER C 56 -24.07 -11.45 3.81
C SER C 56 -23.08 -10.46 4.37
N VAL C 57 -21.92 -10.96 4.80
CA VAL C 57 -20.81 -10.12 5.19
C VAL C 57 -19.81 -9.86 4.05
N ALA C 58 -20.11 -10.29 2.81
CA ALA C 58 -19.24 -10.02 1.68
C ALA C 58 -19.07 -8.51 1.57
N LYS C 59 -17.84 -8.06 1.47
CA LYS C 59 -17.49 -6.66 1.29
C LYS C 59 -17.89 -5.76 2.45
N CYS C 60 -18.10 -6.37 3.61
CA CYS C 60 -18.45 -5.56 4.75
C CYS C 60 -17.28 -4.71 5.28
N GLN C 61 -17.63 -3.64 6.01
CA GLN C 61 -16.69 -2.88 6.83
C GLN C 61 -17.12 -3.07 8.28
N LEU C 62 -16.15 -3.00 9.18
CA LEU C 62 -16.34 -3.21 10.59
C LEU C 62 -15.81 -2.06 11.46
N MET C 63 -16.61 -1.66 12.44
CA MET C 63 -16.23 -0.64 13.42
CA MET C 63 -16.21 -0.64 13.42
C MET C 63 -16.50 -1.15 14.80
N LYS C 64 -15.57 -0.91 15.71
CA LYS C 64 -15.71 -1.30 17.10
C LYS C 64 -15.81 -0.06 17.97
N THR C 65 -16.75 -0.04 18.92
CA THR C 65 -17.00 1.12 19.76
C THR C 65 -17.31 0.65 21.16
N GLU C 66 -17.28 1.60 22.10
CA GLU C 66 -17.56 1.30 23.49
C GLU C 66 -18.74 2.10 24.04
N ARG C 67 -19.35 2.96 23.23
CA ARG C 67 -20.46 3.82 23.64
C ARG C 67 -21.54 3.81 22.59
N PRO C 68 -22.80 3.69 23.03
CA PRO C 68 -23.28 3.57 24.42
C PRO C 68 -23.01 2.28 25.17
N LYS C 69 -22.76 1.18 24.48
CA LYS C 69 -22.48 -0.11 25.08
C LYS C 69 -21.03 -0.58 24.88
N PRO C 70 -20.34 -1.00 25.94
CA PRO C 70 -19.04 -1.62 25.77
C PRO C 70 -19.09 -2.81 24.81
N ASN C 71 -17.99 -3.07 24.09
CA ASN C 71 -17.88 -4.30 23.28
C ASN C 71 -18.86 -4.35 22.14
N THR C 72 -19.13 -3.18 21.58
CA THR C 72 -20.01 -3.04 20.39
C THR C 72 -19.19 -3.25 19.12
N PHE C 73 -19.80 -3.92 18.15
CA PHE C 73 -19.30 -3.94 16.76
C PHE C 73 -20.43 -3.61 15.81
N ILE C 74 -20.06 -2.84 14.79
CA ILE C 74 -21.01 -2.37 13.78
C ILE C 74 -20.54 -2.93 12.46
N ILE C 75 -21.44 -3.61 11.75
CA ILE C 75 -21.17 -4.17 10.39
C ILE C 75 -21.82 -3.26 9.39
N ARG C 76 -21.00 -2.64 8.52
CA ARG C 76 -21.53 -1.86 7.43
C ARG C 76 -21.69 -2.85 6.29
N CYS C 77 -22.98 -3.16 6.03
CA CYS C 77 -23.40 -4.26 5.16
C CYS C 77 -23.74 -3.65 3.82
N LEU C 78 -23.34 -4.33 2.76
CA LEU C 78 -23.65 -3.87 1.45
C LEU C 78 -24.52 -4.97 0.76
N GLN C 79 -25.59 -4.52 0.10
CA GLN C 79 -26.45 -5.44 -0.64
C GLN C 79 -26.92 -4.65 -1.84
N TRP C 80 -26.46 -5.10 -3.02
CA TRP C 80 -26.69 -4.40 -4.28
C TRP C 80 -25.89 -3.10 -4.13
N THR C 81 -26.56 -1.96 -4.10
CA THR C 81 -25.91 -0.67 -3.79
C THR C 81 -26.27 -0.08 -2.41
N THR C 82 -27.12 -0.79 -1.67
CA THR C 82 -27.69 -0.30 -0.42
C THR C 82 -26.77 -0.59 0.77
N VAL C 83 -26.47 0.47 1.51
CA VAL C 83 -25.65 0.39 2.70
C VAL C 83 -26.57 0.30 3.90
N ILE C 84 -26.42 -0.77 4.69
CA ILE C 84 -27.19 -0.93 5.94
C ILE C 84 -26.18 -1.22 7.06
N GLU C 85 -26.22 -0.45 8.14
CA GLU C 85 -25.40 -0.72 9.32
C GLU C 85 -26.19 -1.51 10.31
N ARG C 86 -25.58 -2.60 10.77
CA ARG C 86 -26.16 -3.45 11.79
C ARG C 86 -25.23 -3.44 12.99
N THR C 87 -25.86 -3.33 14.14
CA THR C 87 -25.16 -3.00 15.38
C THR C 87 -25.34 -4.13 16.45
N PHE C 88 -24.18 -4.62 16.93
CA PHE C 88 -24.10 -5.77 17.87
C PHE C 88 -23.28 -5.43 19.11
N HIS C 89 -23.54 -6.11 20.21
CA HIS C 89 -22.54 -6.10 21.29
C HIS C 89 -22.51 -7.42 22.02
N VAL C 90 -21.34 -7.69 22.62
CA VAL C 90 -21.15 -8.86 23.45
C VAL C 90 -20.64 -8.41 24.84
N ASP C 91 -20.23 -9.36 25.71
CA ASP C 91 -19.97 -8.94 27.08
C ASP C 91 -18.51 -8.85 27.45
N THR C 92 -17.60 -9.18 26.52
CA THR C 92 -16.17 -9.04 26.68
C THR C 92 -15.49 -8.61 25.37
N PRO C 93 -14.34 -7.89 25.49
CA PRO C 93 -13.63 -7.51 24.27
C PRO C 93 -13.11 -8.71 23.49
N GLU C 94 -12.73 -9.77 24.19
CA GLU C 94 -12.17 -10.96 23.55
C GLU C 94 -13.22 -11.59 22.66
N GLU C 95 -14.45 -11.65 23.16
CA GLU C 95 -15.56 -12.22 22.37
C GLU C 95 -15.84 -11.39 21.15
N ARG C 96 -15.80 -10.06 21.34
CA ARG C 96 -16.06 -9.17 20.21
C ARG C 96 -14.97 -9.41 19.14
N GLU C 97 -13.70 -9.53 19.55
CA GLU C 97 -12.61 -9.70 18.60
C GLU C 97 -12.69 -11.04 17.85
N GLU C 98 -13.17 -12.06 18.50
CA GLU C 98 -13.43 -13.34 17.80
C GLU C 98 -14.41 -13.09 16.64
N TRP C 99 -15.50 -12.37 16.93
CA TRP C 99 -16.49 -12.08 15.89
C TRP C 99 -15.91 -11.25 14.79
N THR C 100 -15.26 -10.13 15.11
CA THR C 100 -14.74 -9.26 14.05
C THR C 100 -13.61 -9.89 13.26
N GLU C 101 -12.77 -10.69 13.88
CA GLU C 101 -11.74 -11.46 13.14
C GLU C 101 -12.44 -12.41 12.19
N ALA C 102 -13.37 -13.19 12.72
CA ALA C 102 -14.05 -14.21 11.91
C ALA C 102 -14.77 -13.61 10.73
N ILE C 103 -15.52 -12.52 10.97
CA ILE C 103 -16.25 -11.86 9.90
C ILE C 103 -15.29 -11.38 8.85
N GLN C 104 -14.22 -10.69 9.23
CA GLN C 104 -13.27 -10.19 8.23
C GLN C 104 -12.58 -11.31 7.48
N ALA C 105 -12.28 -12.43 8.14
CA ALA C 105 -11.60 -13.53 7.45
C ALA C 105 -12.53 -14.18 6.41
N VAL C 106 -13.81 -14.29 6.72
CA VAL C 106 -14.79 -14.81 5.78
C VAL C 106 -14.94 -13.85 4.60
N ALA C 107 -15.08 -12.56 4.86
CA ALA C 107 -15.13 -11.58 3.77
C ALA C 107 -13.89 -11.65 2.90
N ASP C 108 -12.73 -11.82 3.51
CA ASP C 108 -11.48 -11.79 2.73
C ASP C 108 -11.46 -13.03 1.83
N ARG C 109 -11.90 -14.17 2.32
CA ARG C 109 -11.91 -15.40 1.51
C ARG C 109 -12.90 -15.24 0.36
N LEU C 110 -14.06 -14.63 0.62
CA LEU C 110 -15.03 -14.42 -0.47
C LEU C 110 -14.47 -13.47 -1.54
N GLN C 111 -13.76 -12.41 -1.15
CA GLN C 111 -13.18 -11.48 -2.10
C GLN C 111 -12.13 -12.16 -2.98
N ARG C 112 -11.29 -12.98 -2.36
CA ARG C 112 -10.26 -13.71 -3.08
C ARG C 112 -10.93 -14.65 -4.08
N GLN C 113 -11.98 -15.32 -3.65
CA GLN C 113 -12.72 -16.19 -4.57
C GLN C 113 -13.29 -15.44 -5.76
N GLU C 114 -13.85 -14.24 -5.56
CA GLU C 114 -14.38 -13.42 -6.67
C GLU C 114 -13.23 -13.04 -7.60
N GLU C 115 -12.07 -12.68 -7.05
CA GLU C 115 -10.89 -12.33 -7.89
C GLU C 115 -10.38 -13.49 -8.72
N GLU C 116 -10.39 -14.67 -8.15
CA GLU C 116 -10.05 -15.88 -8.89
C GLU C 116 -11.05 -16.21 -9.99
N ARG C 117 -12.33 -15.89 -9.79
CA ARG C 117 -13.36 -16.16 -10.81
C ARG C 117 -13.10 -15.32 -12.07
N MET C 118 -12.73 -14.05 -11.87
CA MET C 118 -12.54 -13.12 -12.97
C MET C 118 -11.17 -13.29 -13.65
N ASN C 119 -10.17 -13.86 -12.95
CA ASN C 119 -8.80 -13.92 -13.46
C ASN C 119 -8.23 -12.50 -13.60
N VAL D 5 -1.80 31.96 7.28
CA VAL D 5 -1.85 31.32 5.91
C VAL D 5 -0.60 30.49 5.68
N THR D 6 -0.79 29.23 5.32
CA THR D 6 0.31 28.31 5.15
C THR D 6 0.15 27.60 3.81
N ILE D 7 1.24 26.98 3.38
CA ILE D 7 1.27 26.23 2.15
C ILE D 7 0.83 24.81 2.52
N VAL D 8 -0.20 24.33 1.86
CA VAL D 8 -0.80 23.01 2.02
C VAL D 8 -0.09 21.95 1.17
N LYS D 9 0.29 22.34 -0.05
CA LYS D 9 1.05 21.50 -0.94
C LYS D 9 1.76 22.40 -1.94
N GLU D 10 2.93 21.96 -2.32
CA GLU D 10 3.68 22.60 -3.37
C GLU D 10 4.37 21.54 -4.18
N GLY D 11 4.58 21.83 -5.45
CA GLY D 11 5.25 20.90 -6.32
C GLY D 11 5.29 21.27 -7.77
N TRP D 12 6.04 20.52 -8.58
CA TRP D 12 6.07 20.70 -10.02
C TRP D 12 4.86 19.99 -10.64
N VAL D 13 4.24 20.70 -11.59
CA VAL D 13 3.13 20.19 -12.39
C VAL D 13 3.37 20.61 -13.83
N GLN D 14 2.73 19.97 -14.77
CA GLN D 14 2.60 20.49 -16.13
C GLN D 14 1.24 21.15 -16.24
N LYS D 15 1.24 22.34 -16.82
CA LYS D 15 0.00 23.14 -17.01
C LYS D 15 -0.16 23.56 -18.42
N ARG D 16 -1.35 23.42 -18.98
CA ARG D 16 -1.65 23.93 -20.31
C ARG D 16 -1.66 25.45 -20.24
N GLY D 17 -1.05 26.07 -21.22
CA GLY D 17 -1.04 27.53 -21.32
C GLY D 17 -2.39 28.11 -21.54
N GLU D 18 -2.52 29.38 -21.21
CA GLU D 18 -3.82 29.98 -21.39
C GLU D 18 -4.00 30.71 -22.71
N TYR D 19 -2.92 30.93 -23.46
CA TYR D 19 -3.03 31.39 -24.85
C TYR D 19 -2.70 30.25 -25.80
N ILE D 20 -1.48 29.75 -25.72
CA ILE D 20 -1.06 28.53 -26.41
C ILE D 20 -1.28 27.37 -25.46
N LYS D 21 -2.02 26.38 -25.90
CA LYS D 21 -2.47 25.31 -24.96
C LYS D 21 -1.44 24.23 -24.65
N ASN D 22 -0.26 24.32 -25.22
CA ASN D 22 0.83 23.39 -24.90
C ASN D 22 1.11 23.28 -23.41
N TRP D 23 1.59 22.10 -23.01
CA TRP D 23 1.95 21.84 -21.61
C TRP D 23 3.26 22.55 -21.37
N ARG D 24 3.36 23.26 -20.24
CA ARG D 24 4.61 23.81 -19.77
C ARG D 24 4.77 23.55 -18.27
N PRO D 25 5.99 23.35 -17.83
CA PRO D 25 6.24 23.09 -16.40
C PRO D 25 6.04 24.32 -15.54
N ARG D 26 5.41 24.12 -14.37
CA ARG D 26 5.24 25.19 -13.42
C ARG D 26 5.41 24.65 -12.05
N TYR D 27 5.94 25.45 -11.15
CA TYR D 27 6.06 25.06 -9.75
C TYR D 27 4.93 25.79 -9.04
N PHE D 28 3.98 25.04 -8.52
CA PHE D 28 2.81 25.62 -7.87
C PHE D 28 2.78 25.44 -6.36
N LEU D 29 2.22 26.45 -5.72
CA LEU D 29 1.95 26.50 -4.28
C LEU D 29 0.46 26.69 -4.05
N LEU D 30 -0.15 25.81 -3.25
CA LEU D 30 -1.53 25.94 -2.83
C LEU D 30 -1.53 26.39 -1.37
N LYS D 31 -2.20 27.49 -1.09
CA LYS D 31 -2.22 28.02 0.26
C LYS D 31 -3.60 27.92 0.89
N THR D 32 -3.64 27.99 2.22
CA THR D 32 -4.87 27.81 2.98
C THR D 32 -5.96 28.87 2.70
N ASP D 33 -5.56 29.98 2.12
CA ASP D 33 -6.51 31.02 1.75
C ASP D 33 -7.11 30.83 0.35
N GLY D 34 -6.81 29.68 -0.28
CA GLY D 34 -7.35 29.39 -1.59
C GLY D 34 -6.45 29.78 -2.75
N SER D 35 -5.37 30.55 -2.52
CA SER D 35 -4.53 30.96 -3.64
C SER D 35 -3.74 29.78 -4.18
N PHE D 36 -3.64 29.74 -5.48
CA PHE D 36 -2.93 28.70 -6.18
C PHE D 36 -1.97 29.44 -7.14
N ILE D 37 -0.69 29.44 -6.77
CA ILE D 37 0.28 30.40 -7.28
C ILE D 37 1.35 29.62 -8.02
N GLY D 38 1.60 29.94 -9.30
CA GLY D 38 2.53 29.19 -10.17
C GLY D 38 3.76 30.01 -10.53
N TYR D 39 4.92 29.37 -10.57
CA TYR D 39 6.20 30.01 -10.88
C TYR D 39 6.92 29.24 -11.97
N LYS D 40 7.86 29.91 -12.65
CA LYS D 40 8.75 29.29 -13.60
C LYS D 40 9.69 28.28 -12.94
N GLU D 41 10.02 28.53 -11.68
CA GLU D 41 11.03 27.79 -10.96
C GLU D 41 10.59 27.68 -9.50
N LYS D 42 11.21 26.79 -8.73
CA LYS D 42 10.90 26.66 -7.33
C LYS D 42 11.29 28.00 -6.64
N PRO D 43 10.35 28.73 -6.00
CA PRO D 43 10.70 30.11 -5.57
C PRO D 43 11.84 30.19 -4.55
N GLN D 44 11.95 29.15 -3.72
CA GLN D 44 13.05 28.99 -2.76
C GLN D 44 14.43 28.93 -3.43
N ASP D 45 14.46 28.48 -4.69
CA ASP D 45 15.71 28.36 -5.44
C ASP D 45 16.19 29.66 -6.12
N VAL D 46 15.47 30.76 -5.94
CA VAL D 46 15.84 32.02 -6.62
C VAL D 46 15.70 33.23 -5.68
N ASP D 47 16.47 34.27 -5.96
CA ASP D 47 16.39 35.51 -5.17
C ASP D 47 15.11 36.32 -5.46
N LEU D 48 14.68 36.32 -6.72
CA LEU D 48 13.54 37.13 -7.18
C LEU D 48 12.43 36.30 -7.88
N PRO D 49 11.63 35.56 -7.09
CA PRO D 49 10.49 34.81 -7.66
C PRO D 49 9.37 35.75 -8.07
N TYR D 50 8.72 35.46 -9.19
CA TYR D 50 7.69 36.34 -9.74
C TYR D 50 6.61 35.41 -10.27
N PRO D 51 5.37 35.54 -9.74
CA PRO D 51 4.38 34.54 -10.17
C PRO D 51 3.96 34.67 -11.63
N LEU D 52 3.90 33.53 -12.32
CA LEU D 52 3.39 33.44 -13.69
C LEU D 52 1.89 33.12 -13.66
N ASN D 53 1.41 32.62 -12.53
CA ASN D 53 -0.01 32.26 -12.40
C ASN D 53 -0.49 32.60 -10.97
N ASN D 54 -1.72 33.09 -10.80
CA ASN D 54 -2.28 33.26 -9.49
C ASN D 54 -3.77 33.27 -9.60
N PHE D 55 -4.44 32.20 -9.12
CA PHE D 55 -5.89 32.18 -9.10
C PHE D 55 -6.42 31.49 -7.85
N SER D 56 -7.68 31.70 -7.57
CA SER D 56 -8.32 31.07 -6.41
C SER D 56 -8.99 29.76 -6.77
N VAL D 57 -8.91 28.80 -5.85
CA VAL D 57 -9.65 27.54 -5.98
C VAL D 57 -10.99 27.59 -5.21
N ALA D 58 -11.38 28.74 -4.68
CA ALA D 58 -12.70 28.84 -4.01
C ALA D 58 -13.82 28.41 -4.96
N LYS D 59 -14.69 27.55 -4.43
CA LYS D 59 -15.87 27.04 -5.14
C LYS D 59 -15.53 26.23 -6.39
N CYS D 60 -14.30 25.75 -6.55
CA CYS D 60 -13.96 25.08 -7.80
C CYS D 60 -14.62 23.71 -7.91
N GLN D 61 -14.67 23.21 -9.12
CA GLN D 61 -15.00 21.83 -9.43
C GLN D 61 -13.74 21.16 -9.96
N LEU D 62 -13.63 19.85 -9.77
CA LEU D 62 -12.46 19.09 -10.16
C LEU D 62 -12.86 17.88 -10.99
N MET D 63 -12.13 17.65 -12.09
CA MET D 63 -12.30 16.51 -12.94
C MET D 63 -10.93 15.85 -13.12
N LYS D 64 -10.88 14.54 -13.05
CA LYS D 64 -9.67 13.76 -13.29
C LYS D 64 -9.85 12.96 -14.58
N THR D 65 -8.84 12.97 -15.46
CA THR D 65 -8.93 12.31 -16.75
C THR D 65 -7.61 11.66 -17.11
N GLU D 66 -7.59 10.76 -18.09
CA GLU D 66 -6.36 10.09 -18.55
C GLU D 66 -6.02 10.38 -19.98
N ARG D 67 -6.90 11.07 -20.70
CA ARG D 67 -6.64 11.37 -22.11
C ARG D 67 -6.89 12.84 -22.39
N PRO D 68 -6.06 13.45 -23.23
CA PRO D 68 -4.90 12.84 -23.90
C PRO D 68 -3.74 12.42 -22.99
N LYS D 69 -3.57 13.00 -21.79
CA LYS D 69 -2.43 12.69 -20.96
C LYS D 69 -2.86 11.99 -19.67
N PRO D 70 -2.17 10.91 -19.31
CA PRO D 70 -2.47 10.28 -18.04
C PRO D 70 -2.28 11.26 -16.86
N ASN D 71 -3.01 11.02 -15.78
CA ASN D 71 -2.85 11.76 -14.53
C ASN D 71 -3.15 13.24 -14.67
N THR D 72 -4.12 13.51 -15.53
CA THR D 72 -4.64 14.88 -15.71
C THR D 72 -5.66 15.27 -14.67
N PHE D 73 -5.60 16.51 -14.20
CA PHE D 73 -6.69 17.12 -13.43
C PHE D 73 -7.05 18.47 -13.96
N ILE D 74 -8.37 18.73 -14.05
CA ILE D 74 -8.90 19.97 -14.57
C ILE D 74 -9.60 20.69 -13.45
N ILE D 75 -9.27 21.97 -13.25
CA ILE D 75 -9.91 22.81 -12.23
C ILE D 75 -10.84 23.77 -12.95
N ARG D 76 -12.15 23.62 -12.75
N ARG D 76 -12.11 23.81 -12.51
CA ARG D 76 -13.10 24.55 -13.28
CA ARG D 76 -13.17 24.68 -13.05
C ARG D 76 -13.13 25.68 -12.30
C ARG D 76 -13.51 25.71 -11.97
N CYS D 77 -12.51 26.79 -12.72
N CYS D 77 -13.39 27.01 -12.27
CA CYS D 77 -12.25 27.94 -11.85
CA CYS D 77 -13.73 28.03 -11.27
C CYS D 77 -13.34 28.96 -12.13
C CYS D 77 -14.59 29.08 -11.90
N LEU D 78 -13.79 29.66 -11.10
N LEU D 78 -15.20 29.91 -11.06
CA LEU D 78 -14.88 30.65 -11.24
CA LEU D 78 -15.90 31.09 -11.49
C LEU D 78 -14.40 32.07 -10.88
C LEU D 78 -15.18 32.29 -10.88
N GLN D 79 -14.59 33.08 -11.76
CA GLN D 79 -14.07 34.40 -11.43
C GLN D 79 -15.17 35.37 -11.75
N TRP D 80 -15.77 35.94 -10.69
CA TRP D 80 -16.99 36.72 -10.77
C TRP D 80 -18.03 35.70 -11.26
N THR D 81 -18.50 35.83 -12.51
CA THR D 81 -19.38 34.81 -13.12
C THR D 81 -18.72 34.02 -14.25
N THR D 82 -17.45 34.36 -14.55
CA THR D 82 -16.72 33.80 -15.69
C THR D 82 -16.18 32.43 -15.32
N VAL D 83 -16.51 31.43 -16.16
CA VAL D 83 -16.04 30.06 -16.00
C VAL D 83 -14.72 29.91 -16.74
N ILE D 84 -13.68 29.49 -16.02
CA ILE D 84 -12.39 29.17 -16.67
C ILE D 84 -11.91 27.79 -16.24
N GLU D 85 -11.54 26.94 -17.19
CA GLU D 85 -10.98 25.62 -16.92
C GLU D 85 -9.46 25.67 -17.13
N ARG D 86 -8.72 25.17 -16.15
CA ARG D 86 -7.28 25.10 -16.18
C ARG D 86 -6.87 23.64 -16.04
N THR D 87 -5.91 23.19 -16.83
CA THR D 87 -5.67 21.81 -17.07
C THR D 87 -4.22 21.51 -16.69
N PHE D 88 -4.06 20.55 -15.80
CA PHE D 88 -2.76 20.17 -15.22
C PHE D 88 -2.50 18.70 -15.45
N HIS D 89 -1.26 18.22 -15.44
CA HIS D 89 -1.00 16.79 -15.22
C HIS D 89 0.28 16.61 -14.42
N VAL D 90 0.39 15.45 -13.79
CA VAL D 90 1.57 15.02 -13.07
C VAL D 90 1.96 13.62 -13.54
N ASP D 91 2.92 13.04 -12.87
CA ASP D 91 3.61 11.87 -13.27
C ASP D 91 3.00 10.58 -12.80
N THR D 92 2.25 10.62 -11.70
CA THR D 92 1.64 9.43 -11.11
C THR D 92 0.25 9.73 -10.60
N PRO D 93 -0.61 8.71 -10.48
CA PRO D 93 -1.95 8.97 -9.97
C PRO D 93 -1.96 9.38 -8.51
N GLU D 94 -1.00 8.88 -7.75
CA GLU D 94 -0.85 9.23 -6.36
C GLU D 94 -0.55 10.71 -6.20
N GLU D 95 0.31 11.25 -7.06
CA GLU D 95 0.62 12.69 -6.91
C GLU D 95 -0.61 13.51 -7.31
N ARG D 96 -1.32 13.05 -8.37
CA ARG D 96 -2.53 13.77 -8.75
C ARG D 96 -3.51 13.79 -7.56
N GLU D 97 -3.73 12.66 -6.92
CA GLU D 97 -4.71 12.62 -5.86
C GLU D 97 -4.30 13.48 -4.64
N GLU D 98 -3.00 13.65 -4.36
CA GLU D 98 -2.55 14.59 -3.36
C GLU D 98 -3.07 15.99 -3.75
N TRP D 99 -2.86 16.41 -5.00
CA TRP D 99 -3.38 17.69 -5.40
C TRP D 99 -4.87 17.86 -5.33
N THR D 100 -5.65 16.88 -5.81
CA THR D 100 -7.08 17.07 -5.88
C THR D 100 -7.70 16.93 -4.50
N GLU D 101 -7.12 16.12 -3.61
CA GLU D 101 -7.53 16.09 -2.17
C GLU D 101 -7.27 17.48 -1.55
N ALA D 102 -6.07 17.99 -1.75
CA ALA D 102 -5.62 19.26 -1.12
C ALA D 102 -6.51 20.42 -1.61
N ILE D 103 -6.70 20.50 -2.93
CA ILE D 103 -7.50 21.59 -3.49
C ILE D 103 -8.94 21.54 -2.96
N GLN D 104 -9.55 20.35 -2.98
CA GLN D 104 -10.90 20.21 -2.46
C GLN D 104 -11.02 20.53 -0.96
N ALA D 105 -10.03 20.10 -0.17
CA ALA D 105 -10.04 20.40 1.29
C ALA D 105 -9.90 21.90 1.56
N VAL D 106 -9.04 22.60 0.82
CA VAL D 106 -8.95 24.04 0.93
C VAL D 106 -10.27 24.69 0.53
N ALA D 107 -10.85 24.27 -0.61
CA ALA D 107 -12.14 24.83 -1.06
C ALA D 107 -13.20 24.65 0.01
N ASP D 108 -13.22 23.47 0.62
CA ASP D 108 -14.23 23.13 1.65
C ASP D 108 -14.07 24.06 2.86
N ARG D 109 -12.82 24.27 3.29
CA ARG D 109 -12.52 25.20 4.42
C ARG D 109 -13.01 26.59 4.10
N LEU D 110 -12.73 27.08 2.89
CA LEU D 110 -13.12 28.43 2.48
C LEU D 110 -14.64 28.59 2.42
N GLN D 111 -15.35 27.54 2.00
CA GLN D 111 -16.81 27.59 1.94
C GLN D 111 -17.39 27.64 3.33
N ARG D 112 -16.88 26.84 4.26
CA ARG D 112 -17.33 26.94 5.65
C ARG D 112 -17.10 28.36 6.20
N GLN D 113 -16.00 28.98 5.81
CA GLN D 113 -15.66 30.32 6.28
C GLN D 113 -16.57 31.40 5.71
N GLU D 114 -17.02 31.22 4.47
CA GLU D 114 -17.98 32.14 3.84
C GLU D 114 -19.33 32.02 4.55
N GLU D 115 -19.73 30.78 4.85
CA GLU D 115 -20.96 30.51 5.62
C GLU D 115 -20.96 31.10 7.03
N GLU D 116 -19.83 31.06 7.70
CA GLU D 116 -19.74 31.68 9.02
C GLU D 116 -19.77 33.21 8.92
N ARG D 117 -19.20 33.77 7.87
CA ARG D 117 -19.10 35.24 7.72
C ARG D 117 -20.42 35.86 7.21
N MET D 118 -21.12 35.16 6.31
CA MET D 118 -22.38 35.67 5.74
C MET D 118 -23.50 35.74 6.80
N ASN D 119 -23.23 35.20 7.99
CA ASN D 119 -24.07 35.38 9.17
C ASN D 119 -23.38 36.17 10.29
N ASP E 4 13.60 -28.90 -31.58
CA ASP E 4 12.63 -29.12 -30.48
C ASP E 4 12.54 -27.86 -29.61
N VAL E 5 11.32 -27.48 -29.24
CA VAL E 5 11.08 -26.32 -28.38
C VAL E 5 11.11 -26.78 -26.93
N THR E 6 11.88 -26.10 -26.08
CA THR E 6 11.94 -26.45 -24.68
C THR E 6 11.62 -25.23 -23.78
N ILE E 7 11.37 -25.52 -22.52
CA ILE E 7 11.06 -24.49 -21.52
C ILE E 7 12.34 -23.93 -20.92
N VAL E 8 12.49 -22.63 -20.99
CA VAL E 8 13.71 -21.95 -20.51
C VAL E 8 13.55 -21.57 -19.03
N LYS E 9 12.34 -21.10 -18.70
CA LYS E 9 11.98 -20.78 -17.32
C LYS E 9 10.48 -20.82 -17.19
N GLU E 10 10.02 -21.28 -16.05
CA GLU E 10 8.62 -21.26 -15.72
C GLU E 10 8.43 -20.92 -14.27
N GLY E 11 7.26 -20.36 -13.96
CA GLY E 11 6.95 -20.08 -12.56
C GLY E 11 5.83 -19.11 -12.40
N TRP E 12 5.43 -18.89 -11.14
CA TRP E 12 4.40 -17.93 -10.76
C TRP E 12 4.86 -16.48 -10.79
N VAL E 13 4.01 -15.65 -11.39
CA VAL E 13 4.24 -14.22 -11.43
C VAL E 13 2.92 -13.53 -11.13
N GLN E 14 2.98 -12.27 -10.72
CA GLN E 14 1.83 -11.37 -10.74
C GLN E 14 1.91 -10.57 -12.03
N LYS E 15 0.77 -10.45 -12.72
CA LYS E 15 0.67 -9.75 -14.01
C LYS E 15 -0.42 -8.74 -13.94
N ARG E 16 -0.16 -7.51 -14.40
CA ARG E 16 -1.21 -6.53 -14.47
C ARG E 16 -2.18 -6.92 -15.58
N GLY E 17 -3.48 -6.80 -15.31
CA GLY E 17 -4.49 -7.13 -16.30
C GLY E 17 -4.42 -6.27 -17.53
N GLU E 18 -4.98 -6.79 -18.59
CA GLU E 18 -4.93 -6.08 -19.81
C GLU E 18 -6.10 -5.19 -20.11
N TYR E 19 -7.18 -5.35 -19.36
CA TYR E 19 -8.30 -4.39 -19.40
C TYR E 19 -8.31 -3.61 -18.11
N ILE E 20 -8.40 -4.32 -16.98
CA ILE E 20 -8.30 -3.73 -15.63
C ILE E 20 -6.88 -3.92 -15.12
N LYS E 21 -6.27 -2.82 -14.69
N LYS E 21 -6.25 -2.85 -14.66
CA LYS E 21 -4.85 -2.83 -14.29
CA LYS E 21 -4.79 -2.92 -14.44
C LYS E 21 -4.70 -3.14 -12.81
C LYS E 21 -4.34 -3.66 -13.16
N ASN E 22 -5.27 -4.27 -12.43
N ASN E 22 -5.30 -4.05 -12.34
CA ASN E 22 -5.07 -4.85 -11.16
C ASN E 22 -3.98 -5.89 -11.39
C ASN E 22 -4.14 -6.08 -11.34
N TRP E 23 -3.37 -6.38 -10.30
CA TRP E 23 -2.39 -7.48 -10.36
C TRP E 23 -3.10 -8.82 -10.17
N ARG E 24 -2.84 -9.83 -10.99
CA ARG E 24 -3.45 -11.15 -10.78
C ARG E 24 -2.35 -12.21 -10.97
N PRO E 25 -2.46 -13.34 -10.27
CA PRO E 25 -1.52 -14.42 -10.44
C PRO E 25 -1.60 -15.06 -11.81
N ARG E 26 -0.41 -15.37 -12.34
CA ARG E 26 -0.31 -16.20 -13.55
C ARG E 26 0.85 -17.16 -13.42
N TYR E 27 0.69 -18.37 -13.98
CA TYR E 27 1.78 -19.34 -14.12
C TYR E 27 2.29 -19.25 -15.53
N PHE E 28 3.50 -18.70 -15.71
CA PHE E 28 4.06 -18.48 -17.03
C PHE E 28 5.15 -19.46 -17.41
N LEU E 29 5.18 -19.76 -18.70
CA LEU E 29 6.23 -20.56 -19.33
C LEU E 29 6.88 -19.76 -20.43
N LEU E 30 8.20 -19.61 -20.38
CA LEU E 30 8.96 -19.05 -21.49
C LEU E 30 9.64 -20.18 -22.25
N LYS E 31 9.42 -20.21 -23.54
CA LYS E 31 9.98 -21.27 -24.38
C LYS E 31 11.01 -20.76 -25.38
N THR E 32 11.76 -21.70 -25.96
CA THR E 32 12.87 -21.33 -26.82
C THR E 32 12.46 -20.69 -28.13
N ASP E 33 11.21 -20.83 -28.53
CA ASP E 33 10.68 -20.22 -29.73
C ASP E 33 10.14 -18.81 -29.53
N GLY E 34 10.32 -18.30 -28.31
CA GLY E 34 9.88 -16.93 -28.00
C GLY E 34 8.50 -16.84 -27.40
N SER E 35 7.77 -17.96 -27.33
CA SER E 35 6.43 -17.92 -26.76
C SER E 35 6.54 -17.74 -25.23
N PHE E 36 5.67 -16.87 -24.73
CA PHE E 36 5.56 -16.62 -23.30
C PHE E 36 4.09 -16.81 -22.97
N ILE E 37 3.79 -17.92 -22.31
CA ILE E 37 2.43 -18.43 -22.20
C ILE E 37 2.02 -18.48 -20.75
N GLY E 38 0.85 -17.93 -20.46
CA GLY E 38 0.38 -17.78 -19.10
C GLY E 38 -0.90 -18.54 -18.83
N TYR E 39 -0.94 -19.16 -17.67
CA TYR E 39 -2.06 -20.01 -17.26
C TYR E 39 -2.64 -19.56 -15.91
N LYS E 40 -3.90 -19.92 -15.67
CA LYS E 40 -4.54 -19.68 -14.39
C LYS E 40 -3.87 -20.50 -13.30
N GLU E 41 -3.52 -21.76 -13.61
CA GLU E 41 -2.80 -22.63 -12.66
C GLU E 41 -1.51 -23.20 -13.25
N LYS E 42 -0.65 -23.78 -12.42
CA LYS E 42 0.50 -24.49 -12.92
C LYS E 42 -0.10 -25.64 -13.73
N PRO E 43 0.08 -25.62 -15.06
CA PRO E 43 -0.79 -26.41 -15.92
C PRO E 43 -0.57 -27.90 -15.81
N GLN E 44 -1.65 -28.63 -15.57
CA GLN E 44 -1.61 -30.08 -15.77
C GLN E 44 -1.56 -30.33 -17.28
N ASP E 45 -1.19 -31.55 -17.69
CA ASP E 45 -0.96 -31.84 -19.12
C ASP E 45 -2.22 -31.48 -19.91
N VAL E 46 -3.36 -31.87 -19.33
CA VAL E 46 -4.70 -31.59 -19.86
C VAL E 46 -5.02 -30.08 -19.96
N ASP E 47 -4.27 -29.23 -19.27
CA ASP E 47 -4.51 -27.78 -19.32
C ASP E 47 -3.67 -27.03 -20.37
N LEU E 48 -2.61 -27.66 -20.86
CA LEU E 48 -1.64 -26.93 -21.69
C LEU E 48 -2.24 -26.24 -22.94
N PRO E 49 -3.26 -26.84 -23.57
CA PRO E 49 -3.77 -26.14 -24.76
C PRO E 49 -4.63 -24.88 -24.49
N TYR E 50 -4.88 -24.54 -23.21
CA TYR E 50 -5.89 -23.52 -22.83
C TYR E 50 -5.28 -22.39 -21.96
N PRO E 51 -4.29 -21.68 -22.50
CA PRO E 51 -3.74 -20.59 -21.70
C PRO E 51 -4.62 -19.33 -21.66
N LEU E 52 -4.40 -18.50 -20.64
CA LEU E 52 -5.03 -17.19 -20.53
C LEU E 52 -4.24 -16.09 -21.24
N ASN E 53 -2.96 -16.34 -21.48
CA ASN E 53 -2.03 -15.37 -22.09
C ASN E 53 -1.07 -16.13 -23.03
N ASN E 54 -0.80 -15.55 -24.18
CA ASN E 54 0.12 -16.13 -25.14
C ASN E 54 0.60 -15.05 -26.09
N PHE E 55 1.83 -14.61 -25.87
CA PHE E 55 2.43 -13.62 -26.75
C PHE E 55 3.90 -13.94 -26.97
N SER E 56 4.51 -13.31 -27.97
CA SER E 56 5.93 -13.55 -28.24
C SER E 56 6.79 -12.46 -27.63
N VAL E 57 7.97 -12.83 -27.15
CA VAL E 57 8.98 -11.88 -26.71
C VAL E 57 10.03 -11.52 -27.75
N ALA E 58 9.86 -12.01 -28.98
CA ALA E 58 10.77 -11.64 -30.07
C ALA E 58 10.94 -10.10 -30.10
N LYS E 59 12.18 -9.65 -30.22
CA LYS E 59 12.51 -8.23 -30.37
C LYS E 59 11.97 -7.32 -29.29
N CYS E 60 11.78 -7.87 -28.08
CA CYS E 60 11.26 -7.06 -27.02
C CYS E 60 12.25 -6.06 -26.44
N GLN E 61 11.71 -5.04 -25.76
CA GLN E 61 12.47 -4.19 -24.86
C GLN E 61 12.03 -4.44 -23.45
N LEU E 62 12.98 -4.38 -22.52
CA LEU E 62 12.72 -4.72 -21.15
C LEU E 62 13.13 -3.59 -20.26
N MET E 63 12.32 -3.36 -19.23
CA MET E 63 12.66 -2.43 -18.17
CA MET E 63 12.64 -2.40 -18.16
C MET E 63 12.42 -3.06 -16.82
N LYS E 64 13.30 -2.77 -15.87
CA LYS E 64 13.18 -3.21 -14.51
C LYS E 64 12.92 -2.02 -13.58
N THR E 65 11.91 -2.10 -12.73
CA THR E 65 11.50 -0.99 -11.90
C THR E 65 11.14 -1.51 -10.48
N GLU E 66 11.07 -0.61 -9.52
CA GLU E 66 10.70 -0.92 -8.12
C GLU E 66 9.44 -0.21 -7.64
N ARG E 67 8.79 0.59 -8.48
CA ARG E 67 7.62 1.35 -8.09
C ARG E 67 6.64 1.35 -9.26
N PRO E 68 5.34 1.20 -8.97
CA PRO E 68 4.81 1.10 -7.59
C PRO E 68 5.15 -0.20 -6.82
N LYS E 69 5.50 -1.29 -7.51
CA LYS E 69 5.79 -2.55 -6.82
C LYS E 69 7.22 -2.97 -6.97
N PRO E 70 7.86 -3.43 -5.89
CA PRO E 70 9.20 -3.97 -6.02
C PRO E 70 9.29 -5.17 -6.94
N ASN E 71 10.45 -5.35 -7.54
CA ASN E 71 10.70 -6.51 -8.37
C ASN E 71 9.78 -6.59 -9.60
N THR E 72 9.58 -5.46 -10.26
CA THR E 72 8.74 -5.36 -11.45
C THR E 72 9.60 -5.49 -12.70
N PHE E 73 9.08 -6.16 -13.72
CA PHE E 73 9.65 -6.08 -15.05
C PHE E 73 8.54 -5.84 -16.07
N ILE E 74 8.88 -5.05 -17.08
CA ILE E 74 7.99 -4.53 -18.09
C ILE E 74 8.53 -4.93 -19.47
N ILE E 75 7.67 -5.52 -20.28
CA ILE E 75 8.02 -5.94 -21.63
C ILE E 75 7.24 -5.09 -22.62
N ARG E 76 7.96 -4.66 -23.63
CA ARG E 76 7.39 -3.86 -24.71
C ARG E 76 7.84 -4.43 -26.06
N CYS E 77 6.87 -4.61 -26.95
CA CYS E 77 7.10 -4.91 -28.37
C CYS E 77 6.40 -3.88 -29.25
N LEU E 78 7.09 -3.59 -30.36
CA LEU E 78 6.61 -2.56 -31.31
C LEU E 78 5.17 -2.74 -31.74
N GLN E 79 4.82 -3.97 -32.06
CA GLN E 79 3.51 -4.23 -32.61
C GLN E 79 2.36 -4.34 -31.60
N TRP E 80 2.65 -4.15 -30.30
CA TRP E 80 1.63 -4.23 -29.23
C TRP E 80 0.90 -2.91 -29.07
N THR E 81 0.17 -2.55 -30.11
CA THR E 81 -0.40 -1.21 -30.16
C THR E 81 -1.61 -0.97 -29.27
N THR E 82 -2.23 -2.05 -28.78
CA THR E 82 -3.36 -1.92 -27.87
C THR E 82 -2.88 -1.81 -26.42
N VAL E 83 -2.11 -2.80 -25.92
CA VAL E 83 -1.68 -2.71 -24.51
C VAL E 83 -0.44 -1.86 -24.30
N ILE E 84 0.39 -1.76 -25.33
CA ILE E 84 1.64 -1.00 -25.29
C ILE E 84 2.77 -1.75 -24.57
N GLU E 85 2.53 -2.11 -23.30
CA GLU E 85 3.50 -2.91 -22.53
C GLU E 85 2.73 -3.93 -21.65
N ARG E 86 3.45 -4.95 -21.23
CA ARG E 86 2.96 -5.91 -20.25
C ARG E 86 3.85 -5.87 -19.03
N THR E 87 3.21 -5.90 -17.85
CA THR E 87 3.85 -5.56 -16.58
C THR E 87 3.67 -6.69 -15.58
N PHE E 88 4.77 -7.08 -14.95
CA PHE E 88 4.89 -8.26 -14.13
C PHE E 88 5.63 -7.91 -12.85
N HIS E 89 5.35 -8.61 -11.77
CA HIS E 89 6.27 -8.58 -10.65
C HIS E 89 6.33 -9.92 -9.95
N VAL E 90 7.46 -10.11 -9.30
CA VAL E 90 7.73 -11.33 -8.55
C VAL E 90 8.19 -11.00 -7.12
N ASP E 91 8.33 -12.04 -6.30
CA ASP E 91 8.53 -11.81 -4.87
C ASP E 91 9.96 -11.46 -4.48
N THR E 92 10.94 -11.73 -5.34
CA THR E 92 12.34 -11.44 -5.02
C THR E 92 13.04 -10.79 -6.19
N PRO E 93 14.08 -10.00 -5.93
CA PRO E 93 14.84 -9.46 -7.05
C PRO E 93 15.57 -10.51 -7.87
N GLU E 94 16.05 -11.56 -7.20
CA GLU E 94 16.71 -12.65 -7.86
C GLU E 94 15.84 -13.30 -8.92
N GLU E 95 14.58 -13.56 -8.60
CA GLU E 95 13.64 -14.13 -9.57
C GLU E 95 13.39 -13.18 -10.73
N ARG E 96 13.29 -11.89 -10.42
CA ARG E 96 13.04 -10.89 -11.47
C ARG E 96 14.18 -10.93 -12.48
N GLU E 97 15.41 -10.96 -12.00
CA GLU E 97 16.58 -10.95 -12.88
C GLU E 97 16.68 -12.26 -13.71
N GLU E 98 16.27 -13.38 -13.13
CA GLU E 98 16.19 -14.62 -13.86
C GLU E 98 15.25 -14.44 -15.05
N TRP E 99 14.08 -13.85 -14.82
CA TRP E 99 13.11 -13.69 -15.90
C TRP E 99 13.65 -12.79 -17.00
N THR E 100 14.19 -11.64 -16.62
CA THR E 100 14.64 -10.70 -17.62
C THR E 100 15.89 -11.23 -18.37
N GLU E 101 16.75 -11.95 -17.72
CA GLU E 101 17.86 -12.60 -18.39
C GLU E 101 17.38 -13.63 -19.42
N ALA E 102 16.41 -14.45 -19.02
CA ALA E 102 15.88 -15.54 -19.82
C ALA E 102 15.22 -14.95 -21.05
N ILE E 103 14.39 -13.94 -20.81
CA ILE E 103 13.64 -13.33 -21.90
C ILE E 103 14.60 -12.72 -22.88
N GLN E 104 15.58 -11.97 -22.42
CA GLN E 104 16.51 -11.37 -23.39
C GLN E 104 17.32 -12.43 -24.16
N ALA E 105 17.73 -13.51 -23.50
CA ALA E 105 18.52 -14.55 -24.14
C ALA E 105 17.69 -15.33 -25.18
N VAL E 106 16.43 -15.61 -24.89
CA VAL E 106 15.48 -16.11 -25.93
C VAL E 106 15.40 -15.14 -27.12
N ALA E 107 15.14 -13.85 -26.89
CA ALA E 107 15.04 -12.88 -27.99
C ALA E 107 16.35 -12.84 -28.79
N ASP E 108 17.50 -12.89 -28.12
CA ASP E 108 18.79 -12.82 -28.83
C ASP E 108 18.95 -14.05 -29.75
N ARG E 109 18.61 -15.25 -29.26
CA ARG E 109 18.76 -16.48 -30.06
C ARG E 109 17.82 -16.49 -31.27
N LEU E 110 16.63 -15.95 -31.09
CA LEU E 110 15.71 -15.82 -32.20
C LEU E 110 16.24 -14.88 -33.26
N GLN E 111 16.87 -13.78 -32.85
CA GLN E 111 17.45 -12.81 -33.80
C GLN E 111 18.39 -13.58 -34.71
N ARG E 112 19.19 -14.42 -34.10
CA ARG E 112 20.17 -15.27 -34.82
C ARG E 112 19.53 -16.23 -35.81
N GLN E 113 18.52 -16.94 -35.36
CA GLN E 113 17.79 -17.87 -36.22
C GLN E 113 17.09 -17.15 -37.42
N GLU E 114 16.49 -15.99 -37.18
CA GLU E 114 15.88 -15.18 -38.26
C GLU E 114 16.91 -14.81 -39.31
N GLU E 115 18.16 -14.78 -38.89
CA GLU E 115 19.24 -14.31 -39.73
C GLU E 115 19.95 -15.38 -40.52
N GLU E 116 19.61 -16.63 -40.29
CA GLU E 116 20.40 -17.73 -40.79
C GLU E 116 20.17 -18.08 -42.29
N ARG E 117 19.29 -17.38 -42.98
CA ARG E 117 19.17 -17.59 -44.44
C ARG E 117 19.61 -16.33 -45.16
N MET E 118 20.21 -15.42 -44.40
CA MET E 118 20.61 -14.15 -44.96
C MET E 118 21.98 -14.36 -45.55
N ASN E 119 22.11 -13.90 -46.77
CA ASN E 119 23.33 -14.03 -47.55
C ASN E 119 24.36 -13.08 -46.94
N ASP F 4 22.04 8.59 35.83
CA ASP F 4 21.02 7.51 35.95
C ASP F 4 20.85 6.72 34.64
N VAL F 5 21.28 7.29 33.52
CA VAL F 5 21.34 6.54 32.23
C VAL F 5 22.67 5.79 32.12
N THR F 6 22.59 4.50 31.80
CA THR F 6 23.78 3.67 31.64
C THR F 6 23.71 2.84 30.35
N ILE F 7 24.87 2.30 29.98
CA ILE F 7 24.98 1.41 28.83
C ILE F 7 24.58 -0.01 29.24
N VAL F 8 23.58 -0.54 28.55
CA VAL F 8 23.06 -1.89 28.75
C VAL F 8 23.84 -2.94 27.95
N LYS F 9 24.15 -2.60 26.71
CA LYS F 9 24.97 -3.39 25.85
C LYS F 9 25.67 -2.55 24.80
N GLU F 10 26.88 -2.92 24.44
CA GLU F 10 27.63 -2.30 23.37
C GLU F 10 28.39 -3.36 22.61
N GLY F 11 28.54 -3.13 21.31
CA GLY F 11 29.29 -4.06 20.49
C GLY F 11 29.25 -3.78 19.02
N TRP F 12 30.06 -4.53 18.28
CA TRP F 12 30.12 -4.46 16.84
C TRP F 12 28.98 -5.24 16.22
N VAL F 13 28.35 -4.64 15.21
CA VAL F 13 27.32 -5.32 14.41
C VAL F 13 27.54 -4.99 12.95
N GLN F 14 26.95 -5.76 12.08
CA GLN F 14 26.81 -5.36 10.65
C GLN F 14 25.39 -4.83 10.51
N LYS F 15 25.24 -3.65 9.92
CA LYS F 15 23.92 -3.02 9.77
C LYS F 15 23.64 -2.73 8.31
N ARG F 16 22.42 -3.02 7.87
CA ARG F 16 22.04 -2.68 6.51
C ARG F 16 21.99 -1.17 6.37
N GLY F 17 22.48 -0.67 5.25
CA GLY F 17 22.48 0.77 5.08
C GLY F 17 21.08 1.30 4.95
N GLU F 18 20.98 2.58 5.23
CA GLU F 18 19.70 3.29 5.24
C GLU F 18 19.29 3.77 3.86
N TYR F 19 20.26 3.96 2.97
CA TYR F 19 20.01 4.39 1.60
C TYR F 19 20.35 3.28 0.63
N ILE F 20 21.55 2.71 0.77
CA ILE F 20 22.04 1.58 -0.04
C ILE F 20 21.92 0.36 0.86
N LYS F 21 21.28 -0.67 0.32
N LYS F 21 21.32 -0.71 0.36
CA LYS F 21 21.04 -1.92 1.04
CA LYS F 21 20.90 -1.82 1.23
C LYS F 21 22.26 -2.81 0.89
C LYS F 21 22.08 -2.67 1.83
N ASN F 22 23.31 -2.41 1.59
N ASN F 22 23.26 -2.51 1.24
CA ASN F 22 24.51 -3.20 1.75
CA ASN F 22 24.44 -3.24 1.65
C ASN F 22 24.85 -3.18 3.23
C ASN F 22 24.58 -3.40 3.19
N TRP F 23 25.53 -4.21 3.67
CA TRP F 23 25.86 -4.32 5.09
C TRP F 23 27.14 -3.53 5.29
N ARG F 24 27.22 -2.82 6.42
CA ARG F 24 28.40 -2.11 6.80
C ARG F 24 28.62 -2.24 8.32
N PRO F 25 29.90 -2.16 8.79
CA PRO F 25 30.17 -2.27 10.22
C PRO F 25 29.73 -1.06 10.99
N ARG F 26 29.19 -1.31 12.14
CA ARG F 26 28.85 -0.27 13.08
C ARG F 26 29.14 -0.73 14.51
N TYR F 27 29.58 0.19 15.38
CA TYR F 27 29.72 -0.07 16.81
C TYR F 27 28.54 0.61 17.48
N PHE F 28 27.65 -0.16 18.08
CA PHE F 28 26.44 0.37 18.71
C PHE F 28 26.45 0.32 20.22
N LEU F 29 25.84 1.34 20.82
CA LEU F 29 25.57 1.43 22.26
C LEU F 29 24.09 1.50 22.47
N LEU F 30 23.53 0.64 23.32
CA LEU F 30 22.17 0.72 23.80
C LEU F 30 22.18 1.21 25.22
N LYS F 31 21.41 2.25 25.48
CA LYS F 31 21.35 2.81 26.81
C LYS F 31 19.95 2.68 27.42
N THR F 32 19.89 2.87 28.74
CA THR F 32 18.62 2.67 29.46
C THR F 32 17.49 3.68 29.16
N ASP F 33 17.81 4.79 28.51
CA ASP F 33 16.77 5.73 28.04
C ASP F 33 16.15 5.37 26.71
N GLY F 34 16.57 4.24 26.13
CA GLY F 34 16.08 3.82 24.84
C GLY F 34 16.91 4.23 23.64
N SER F 35 17.94 5.05 23.87
CA SER F 35 18.79 5.44 22.77
C SER F 35 19.63 4.26 22.31
N PHE F 36 19.80 4.19 21.01
CA PHE F 36 20.54 3.15 20.32
C PHE F 36 21.34 3.88 19.28
N ILE F 37 22.65 4.00 19.55
CA ILE F 37 23.52 4.96 18.87
C ILE F 37 24.62 4.17 18.22
N GLY F 38 24.84 4.42 16.92
CA GLY F 38 25.86 3.72 16.15
C GLY F 38 26.98 4.63 15.68
N TYR F 39 28.20 4.09 15.67
CA TYR F 39 29.43 4.79 15.34
C TYR F 39 30.25 4.01 14.32
N LYS F 40 31.13 4.71 13.60
CA LYS F 40 32.17 4.09 12.76
C LYS F 40 33.11 3.17 13.53
N GLU F 41 33.43 3.54 14.77
CA GLU F 41 34.37 2.77 15.63
C GLU F 41 33.97 2.94 17.10
N LYS F 42 34.60 2.21 18.01
CA LYS F 42 34.28 2.36 19.44
C LYS F 42 34.54 3.79 19.83
N PRO F 43 33.56 4.45 20.45
CA PRO F 43 33.68 5.91 20.63
C PRO F 43 34.88 6.25 21.51
N GLN F 44 35.20 5.37 22.45
CA GLN F 44 36.31 5.62 23.39
C GLN F 44 37.69 5.67 22.73
N ASP F 45 37.82 5.09 21.55
CA ASP F 45 39.10 5.07 20.83
C ASP F 45 39.27 6.26 19.85
N VAL F 46 38.35 7.22 19.89
CA VAL F 46 38.30 8.33 18.92
C VAL F 46 38.11 9.68 19.64
N ASP F 47 38.64 10.76 19.06
CA ASP F 47 38.51 12.13 19.59
C ASP F 47 37.09 12.67 19.51
N LEU F 48 36.59 12.70 18.27
CA LEU F 48 35.31 13.31 17.94
C LEU F 48 34.46 12.24 17.28
N PRO F 49 33.96 11.29 18.08
CA PRO F 49 33.13 10.23 17.51
C PRO F 49 31.72 10.72 17.17
N TYR F 50 31.58 11.30 15.98
CA TYR F 50 30.27 11.70 15.47
C TYR F 50 29.41 10.45 15.27
N PRO F 51 28.21 10.42 15.87
CA PRO F 51 27.40 9.24 15.60
C PRO F 51 26.95 9.15 14.13
N LEU F 52 26.90 7.93 13.62
CA LEU F 52 26.40 7.63 12.26
C LEU F 52 24.90 7.29 12.30
N ASN F 53 24.41 6.86 13.48
CA ASN F 53 23.06 6.40 13.64
C ASN F 53 22.58 6.82 15.05
N ASN F 54 21.36 7.32 15.14
CA ASN F 54 20.76 7.68 16.42
C ASN F 54 19.27 7.46 16.35
N PHE F 55 18.79 6.46 17.05
CA PHE F 55 17.37 6.29 17.09
C PHE F 55 16.95 5.73 18.45
N SER F 56 15.65 5.73 18.73
CA SER F 56 15.10 5.19 19.94
C SER F 56 14.47 3.84 19.68
N VAL F 57 14.64 2.92 20.63
CA VAL F 57 14.00 1.62 20.55
C VAL F 57 12.72 1.52 21.39
N ALA F 58 12.23 2.65 21.91
CA ALA F 58 10.97 2.63 22.62
C ALA F 58 9.83 2.04 21.76
N LYS F 59 9.04 1.14 22.33
CA LYS F 59 7.86 0.54 21.65
C LYS F 59 8.18 -0.17 20.35
N CYS F 60 9.39 -0.68 20.30
CA CYS F 60 9.78 -1.45 19.11
C CYS F 60 9.18 -2.82 19.03
N GLN F 61 9.22 -3.37 17.82
CA GLN F 61 8.94 -4.75 17.58
C GLN F 61 10.21 -5.35 17.02
N LEU F 62 10.46 -6.61 17.38
CA LEU F 62 11.68 -7.30 17.04
C LEU F 62 11.40 -8.63 16.35
N MET F 63 12.19 -8.91 15.31
CA MET F 63 12.17 -10.19 14.62
C MET F 63 13.56 -10.73 14.48
N LYS F 64 13.68 -12.05 14.57
CA LYS F 64 14.95 -12.74 14.43
C LYS F 64 14.86 -13.64 13.24
N THR F 65 15.85 -13.58 12.33
CA THR F 65 15.84 -14.35 11.11
C THR F 65 17.19 -14.93 10.85
N GLU F 66 17.25 -15.90 9.93
CA GLU F 66 18.53 -16.51 9.52
C GLU F 66 18.86 -16.34 8.05
N ARG F 67 18.01 -15.66 7.28
CA ARG F 67 18.23 -15.51 5.85
C ARG F 67 17.88 -14.07 5.46
N PRO F 68 18.69 -13.45 4.59
CA PRO F 68 19.85 -14.04 3.93
C PRO F 68 21.09 -14.28 4.82
N LYS F 69 21.22 -13.58 5.95
CA LYS F 69 22.36 -13.79 6.86
C LYS F 69 21.95 -14.45 8.16
N PRO F 70 22.73 -15.44 8.62
CA PRO F 70 22.49 -15.96 9.96
C PRO F 70 22.56 -14.87 11.01
N ASN F 71 21.88 -15.11 12.11
CA ASN F 71 22.01 -14.28 13.30
C ASN F 71 21.61 -12.84 13.03
N THR F 72 20.51 -12.69 12.30
CA THR F 72 19.95 -11.40 11.99
C THR F 72 18.86 -11.01 12.97
N PHE F 73 18.82 -9.76 13.32
CA PHE F 73 17.70 -9.18 14.03
C PHE F 73 17.23 -7.90 13.34
N ILE F 74 15.91 -7.67 13.37
CA ILE F 74 15.24 -6.58 12.68
C ILE F 74 14.42 -5.82 13.73
N ILE F 75 14.54 -4.50 13.74
CA ILE F 75 13.80 -3.61 14.67
C ILE F 75 12.85 -2.80 13.79
N ARG F 76 11.62 -2.69 14.23
CA ARG F 76 10.59 -1.82 13.60
C ARG F 76 9.97 -0.92 14.67
N CYS F 77 9.82 0.38 14.38
CA CYS F 77 9.05 1.31 15.16
C CYS F 77 8.09 2.08 14.27
N LEU F 78 6.95 2.41 14.84
CA LEU F 78 5.83 3.01 14.07
C LEU F 78 6.20 4.27 13.31
N GLN F 79 6.98 5.12 13.97
CA GLN F 79 7.26 6.46 13.45
C GLN F 79 8.42 6.47 12.44
N TRP F 80 9.03 5.28 12.22
CA TRP F 80 10.03 5.13 11.14
C TRP F 80 9.50 4.95 9.71
N THR F 81 8.97 6.01 9.11
CA THR F 81 8.20 5.81 7.87
C THR F 81 9.02 5.85 6.55
N THR F 82 10.27 6.30 6.66
CA THR F 82 11.23 6.29 5.55
C THR F 82 11.89 4.91 5.40
N VAL F 83 12.52 4.43 6.47
CA VAL F 83 13.24 3.16 6.43
C VAL F 83 12.35 1.95 6.66
N ILE F 84 11.24 2.10 7.37
CA ILE F 84 10.39 0.95 7.78
C ILE F 84 11.00 0.09 8.91
N GLU F 85 12.15 -0.53 8.61
CA GLU F 85 12.85 -1.38 9.58
C GLU F 85 14.36 -1.17 9.49
N ARG F 86 15.06 -1.50 10.56
CA ARG F 86 16.51 -1.46 10.65
C ARG F 86 16.96 -2.89 10.90
N THR F 87 17.99 -3.33 10.18
CA THR F 87 18.38 -4.73 10.08
C THR F 87 19.84 -4.91 10.39
N PHE F 88 20.12 -5.84 11.28
CA PHE F 88 21.41 -6.08 11.88
C PHE F 88 21.78 -7.54 11.78
N HIS F 89 23.07 -7.84 11.70
CA HIS F 89 23.52 -9.22 11.95
C HIS F 89 24.82 -9.26 12.71
N VAL F 90 24.97 -10.30 13.51
CA VAL F 90 26.13 -10.49 14.31
C VAL F 90 26.66 -11.92 14.05
N ASP F 91 27.83 -12.23 14.66
CA ASP F 91 28.53 -13.47 14.27
C ASP F 91 28.05 -14.76 14.90
N THR F 92 27.33 -14.67 16.01
CA THR F 92 26.81 -15.84 16.70
C THR F 92 25.37 -15.67 17.12
N PRO F 93 24.65 -16.79 17.29
CA PRO F 93 23.27 -16.65 17.73
C PRO F 93 23.18 -16.13 19.15
N GLU F 94 24.14 -16.47 19.96
CA GLU F 94 24.16 -16.02 21.34
C GLU F 94 24.29 -14.48 21.43
N GLU F 95 25.16 -13.88 20.62
CA GLU F 95 25.24 -12.45 20.59
C GLU F 95 23.94 -11.83 20.11
N ARG F 96 23.33 -12.45 19.11
CA ARG F 96 22.07 -11.90 18.56
C ARG F 96 21.02 -11.85 19.68
N GLU F 97 20.87 -12.93 20.43
CA GLU F 97 19.89 -13.03 21.51
C GLU F 97 20.20 -12.02 22.61
N GLU F 98 21.48 -11.78 22.94
CA GLU F 98 21.85 -10.74 23.90
C GLU F 98 21.28 -9.36 23.45
N TRP F 99 21.46 -9.03 22.16
CA TRP F 99 20.94 -7.77 21.67
C TRP F 99 19.42 -7.71 21.76
N THR F 100 18.71 -8.72 21.27
CA THR F 100 17.25 -8.65 21.25
C THR F 100 16.66 -8.73 22.67
N GLU F 101 17.31 -9.46 23.58
CA GLU F 101 16.89 -9.40 24.98
C GLU F 101 17.09 -8.01 25.61
N ALA F 102 18.27 -7.42 25.34
CA ALA F 102 18.59 -6.15 25.90
C ALA F 102 17.63 -5.09 25.38
N ILE F 103 17.41 -5.10 24.06
CA ILE F 103 16.53 -4.09 23.42
C ILE F 103 15.16 -4.19 24.00
N GLN F 104 14.62 -5.39 24.09
CA GLN F 104 13.25 -5.54 24.63
C GLN F 104 13.19 -5.11 26.09
N ALA F 105 14.23 -5.43 26.85
CA ALA F 105 14.26 -5.09 28.28
C ALA F 105 14.26 -3.57 28.50
N VAL F 106 15.00 -2.84 27.67
CA VAL F 106 15.00 -1.39 27.69
C VAL F 106 13.61 -0.88 27.32
N ALA F 107 12.99 -1.39 26.26
CA ALA F 107 11.65 -0.91 25.88
C ALA F 107 10.65 -1.19 26.98
N ASP F 108 10.74 -2.33 27.63
CA ASP F 108 9.78 -2.72 28.70
C ASP F 108 9.95 -1.79 29.91
N ARG F 109 11.19 -1.48 30.29
CA ARG F 109 11.44 -0.56 31.39
C ARG F 109 10.86 0.84 31.08
N LEU F 110 10.95 1.28 29.83
CA LEU F 110 10.39 2.58 29.47
C LEU F 110 8.87 2.54 29.57
N GLN F 111 8.26 1.41 29.24
CA GLN F 111 6.80 1.30 29.34
C GLN F 111 6.33 1.18 30.81
N ARG F 112 7.12 0.54 31.67
CA ARG F 112 6.77 0.51 33.12
C ARG F 112 6.95 1.84 33.86
N GLN F 113 7.26 2.93 33.15
CA GLN F 113 7.35 4.25 33.77
C GLN F 113 6.72 5.34 32.86
N GLU F 114 5.50 5.83 33.13
CA GLU F 114 4.62 5.42 34.22
C GLU F 114 3.36 4.80 33.64
N VAL G 5 -3.52 21.48 34.89
CA VAL G 5 -3.67 20.65 33.65
C VAL G 5 -2.41 19.80 33.40
N THR G 6 -2.60 18.49 33.15
CA THR G 6 -1.45 17.59 33.02
C THR G 6 -1.63 16.63 31.84
N ILE G 7 -0.55 15.93 31.51
CA ILE G 7 -0.54 15.00 30.38
C ILE G 7 -1.04 13.64 30.87
N VAL G 8 -2.04 13.11 30.17
CA VAL G 8 -2.67 11.85 30.46
C VAL G 8 -1.96 10.72 29.72
N LYS G 9 -1.63 10.98 28.45
CA LYS G 9 -0.89 10.07 27.59
C LYS G 9 -0.17 10.86 26.52
N GLU G 10 1.02 10.41 26.14
CA GLU G 10 1.73 10.98 25.03
C GLU G 10 2.42 9.85 24.27
N GLY G 11 2.60 10.07 22.98
CA GLY G 11 3.24 9.07 22.19
C GLY G 11 3.18 9.31 20.68
N TRP G 12 3.93 8.49 19.95
CA TRP G 12 3.91 8.53 18.46
C TRP G 12 2.69 7.82 17.91
N VAL G 13 2.03 8.47 16.95
CA VAL G 13 0.92 7.89 16.19
C VAL G 13 1.14 8.20 14.73
N GLN G 14 0.52 7.46 13.85
CA GLN G 14 0.33 7.86 12.43
C GLN G 14 -1.02 8.54 12.36
N LYS G 15 -1.11 9.63 11.60
CA LYS G 15 -2.35 10.41 11.43
C LYS G 15 -2.56 10.69 9.99
N ARG G 16 -3.78 10.56 9.50
CA ARG G 16 -4.08 11.04 8.16
C ARG G 16 -4.08 12.57 8.17
N GLY G 17 -3.61 13.13 7.09
CA GLY G 17 -3.60 14.56 7.00
C GLY G 17 -4.93 15.21 6.90
N GLU G 18 -4.91 16.50 7.23
CA GLU G 18 -6.11 17.34 7.26
C GLU G 18 -6.53 17.67 5.84
N TYR G 19 -5.55 17.86 4.96
CA TYR G 19 -5.79 18.29 3.58
C TYR G 19 -5.48 17.18 2.57
N ILE G 20 -4.41 16.45 2.83
CA ILE G 20 -3.96 15.32 2.02
C ILE G 20 -4.07 14.09 2.94
N LYS G 21 -4.73 13.05 2.46
CA LYS G 21 -5.13 11.95 3.32
C LYS G 21 -4.01 10.97 3.74
N ASN G 22 -2.84 11.10 3.17
CA ASN G 22 -1.66 10.29 3.47
C ASN G 22 -1.42 10.21 4.96
N TRP G 23 -0.97 9.04 5.41
CA TRP G 23 -0.51 8.88 6.79
C TRP G 23 0.85 9.57 7.03
N ARG G 24 0.99 10.27 8.17
CA ARG G 24 2.29 10.86 8.61
C ARG G 24 2.45 10.64 10.09
N PRO G 25 3.68 10.40 10.57
CA PRO G 25 3.94 10.23 11.97
C PRO G 25 3.84 11.56 12.67
N ARG G 26 3.24 11.57 13.86
CA ARG G 26 3.07 12.71 14.66
C ARG G 26 3.16 12.32 16.14
N TYR G 27 3.73 13.20 16.94
CA TYR G 27 3.85 12.96 18.37
C TYR G 27 2.75 13.71 19.10
N PHE G 28 1.86 12.99 19.75
CA PHE G 28 0.70 13.61 20.33
C PHE G 28 0.74 13.59 21.86
N LEU G 29 0.17 14.65 22.44
CA LEU G 29 -0.06 14.78 23.87
C LEU G 29 -1.56 14.97 24.12
N LEU G 30 -2.13 14.13 24.99
CA LEU G 30 -3.49 14.30 25.45
C LEU G 30 -3.45 14.88 26.86
N LYS G 31 -4.09 16.01 27.05
CA LYS G 31 -4.10 16.69 28.37
C LYS G 31 -5.47 16.58 29.06
N THR G 32 -5.49 16.79 30.37
CA THR G 32 -6.71 16.67 31.14
C THR G 32 -7.81 17.70 30.80
N ASP G 33 -7.41 18.83 30.18
CA ASP G 33 -8.40 19.80 29.66
C ASP G 33 -9.03 19.46 28.31
N GLY G 34 -8.66 18.29 27.80
CA GLY G 34 -9.20 17.76 26.56
C GLY G 34 -8.40 18.12 25.32
N SER G 35 -7.33 18.92 25.46
CA SER G 35 -6.53 19.22 24.29
C SER G 35 -5.77 18.02 23.84
N PHE G 36 -5.71 17.87 22.52
CA PHE G 36 -5.00 16.75 21.87
C PHE G 36 -4.09 17.49 20.87
N ILE G 37 -2.79 17.50 21.16
CA ILE G 37 -1.86 18.40 20.52
C ILE G 37 -0.80 17.57 19.82
N GLY G 38 -0.55 17.81 18.52
CA GLY G 38 0.33 16.99 17.69
C GLY G 38 1.53 17.80 17.25
N TYR G 39 2.72 17.19 17.36
CA TYR G 39 3.99 17.78 16.99
C TYR G 39 4.74 16.95 15.99
N LYS G 40 5.64 17.62 15.27
CA LYS G 40 6.53 16.99 14.34
C LYS G 40 7.45 15.98 15.01
N GLU G 41 7.79 16.26 16.26
CA GLU G 41 8.80 15.55 17.04
C GLU G 41 8.38 15.58 18.48
N LYS G 42 9.01 14.77 19.29
CA LYS G 42 8.77 14.79 20.72
C LYS G 42 9.20 16.19 21.23
N PRO G 43 8.26 16.98 21.82
CA PRO G 43 8.54 18.39 22.12
C PRO G 43 9.68 18.55 23.13
N GLN G 44 9.82 17.56 24.01
CA GLN G 44 10.98 17.51 24.96
C GLN G 44 12.32 17.53 24.23
N ASP G 45 12.38 16.85 23.08
CA ASP G 45 13.63 16.69 22.34
C ASP G 45 14.07 17.95 21.57
N VAL G 46 13.37 19.07 21.74
CA VAL G 46 13.64 20.28 20.92
C VAL G 46 13.44 21.58 21.72
N ASP G 47 14.19 22.62 21.33
CA ASP G 47 14.11 23.90 22.02
C ASP G 47 12.79 24.64 21.74
N LEU G 48 12.33 24.59 20.50
CA LEU G 48 11.14 25.34 20.07
C LEU G 48 10.11 24.41 19.39
N PRO G 49 9.35 23.66 20.19
CA PRO G 49 8.27 22.84 19.62
C PRO G 49 7.04 23.68 19.27
N TYR G 50 6.47 23.45 18.08
CA TYR G 50 5.33 24.24 17.61
C TYR G 50 4.25 23.28 17.09
N PRO G 51 3.06 23.28 17.69
CA PRO G 51 2.06 22.29 17.31
C PRO G 51 1.66 22.35 15.85
N LEU G 52 1.55 21.18 15.21
CA LEU G 52 0.95 21.04 13.91
C LEU G 52 -0.55 20.76 13.98
N ASN G 53 -1.03 20.25 15.11
CA ASN G 53 -2.44 19.97 15.35
C ASN G 53 -2.82 20.34 16.79
N ASN G 54 -4.03 20.83 16.96
CA ASN G 54 -4.54 21.10 18.33
C ASN G 54 -6.03 21.14 18.30
N PHE G 55 -6.65 20.10 18.83
CA PHE G 55 -8.09 20.07 18.85
C PHE G 55 -8.56 19.41 20.15
N SER G 56 -9.79 19.67 20.49
CA SER G 56 -10.42 19.13 21.70
C SER G 56 -11.10 17.81 21.49
N VAL G 57 -10.94 16.91 22.47
CA VAL G 57 -11.66 15.64 22.49
C VAL G 57 -12.95 15.72 23.29
N ALA G 58 -13.34 16.92 23.78
CA ALA G 58 -14.63 17.06 24.47
C ALA G 58 -15.77 16.53 23.57
N LYS G 59 -16.65 15.71 24.12
CA LYS G 59 -17.82 15.23 23.40
C LYS G 59 -17.50 14.35 22.22
N CYS G 60 -16.27 13.83 22.15
CA CYS G 60 -15.92 13.05 20.98
C CYS G 60 -16.60 11.68 21.02
N GLN G 61 -16.63 11.09 19.84
CA GLN G 61 -16.99 9.69 19.66
C GLN G 61 -15.77 8.99 19.07
N LEU G 62 -15.65 7.67 19.31
CA LEU G 62 -14.50 6.89 18.96
C LEU G 62 -14.91 5.61 18.23
N MET G 63 -14.21 5.27 17.14
CA MET G 63 -14.41 4.05 16.39
C MET G 63 -13.05 3.39 16.17
N LYS G 64 -12.98 2.08 16.28
CA LYS G 64 -11.74 1.33 16.10
C LYS G 64 -11.93 0.43 14.89
N THR G 65 -10.96 0.39 13.99
CA THR G 65 -11.06 -0.39 12.78
C THR G 65 -9.72 -1.06 12.48
N GLU G 66 -9.76 -2.01 11.54
CA GLU G 66 -8.55 -2.69 11.09
C GLU G 66 -8.22 -2.54 9.63
N ARG G 67 -9.08 -1.87 8.85
CA ARG G 67 -8.90 -1.70 7.40
C ARG G 67 -9.12 -0.26 7.06
N PRO G 68 -8.25 0.31 6.19
CA PRO G 68 -7.12 -0.36 5.56
C PRO G 68 -5.92 -0.70 6.45
N LYS G 69 -5.75 -0.01 7.55
CA LYS G 69 -4.61 -0.22 8.45
C LYS G 69 -5.03 -0.84 9.78
N PRO G 70 -4.32 -1.90 10.21
CA PRO G 70 -4.64 -2.46 11.52
C PRO G 70 -4.45 -1.41 12.59
N ASN G 71 -5.16 -1.56 13.70
CA ASN G 71 -4.95 -0.69 14.87
C ASN G 71 -5.26 0.76 14.63
N THR G 72 -6.27 0.98 13.78
CA THR G 72 -6.79 2.33 13.52
C THR G 72 -7.79 2.76 14.56
N PHE G 73 -7.74 4.04 14.93
CA PHE G 73 -8.83 4.68 15.66
C PHE G 73 -9.20 5.98 15.04
N ILE G 74 -10.49 6.24 14.98
CA ILE G 74 -11.11 7.43 14.39
C ILE G 74 -11.78 8.22 15.48
N ILE G 75 -11.47 9.52 15.58
CA ILE G 75 -12.08 10.44 16.56
C ILE G 75 -13.04 11.33 15.80
N ARG G 76 -14.31 11.25 16.18
CA ARG G 76 -15.34 12.12 15.59
C ARG G 76 -15.36 13.29 16.53
N CYS G 77 -14.85 14.40 15.98
CA CYS G 77 -14.51 15.60 16.71
C CYS G 77 -15.65 16.60 16.51
N LEU G 78 -15.93 17.32 17.55
CA LEU G 78 -16.95 18.30 17.47
C LEU G 78 -16.33 19.66 17.85
N GLN G 79 -16.67 20.68 17.06
CA GLN G 79 -16.19 22.05 17.36
C GLN G 79 -17.32 22.96 16.89
N TRP G 80 -17.96 23.63 17.87
CA TRP G 80 -19.17 24.40 17.61
C TRP G 80 -20.22 23.37 17.12
N THR G 81 -20.68 23.45 15.88
CA THR G 81 -21.61 22.45 15.31
C THR G 81 -20.93 21.53 14.28
N THR G 82 -19.66 21.80 13.98
CA THR G 82 -18.98 21.14 12.86
C THR G 82 -18.38 19.82 13.29
N VAL G 83 -18.70 18.77 12.54
CA VAL G 83 -18.18 17.46 12.77
C VAL G 83 -16.98 17.23 11.90
N ILE G 84 -15.85 16.84 12.51
CA ILE G 84 -14.65 16.47 11.76
C ILE G 84 -14.12 15.14 12.25
N GLU G 85 -13.97 14.16 11.35
CA GLU G 85 -13.34 12.90 11.69
C GLU G 85 -11.86 12.96 11.43
N ARG G 86 -11.10 12.53 12.42
CA ARG G 86 -9.66 12.45 12.36
C ARG G 86 -9.24 11.01 12.56
N THR G 87 -8.31 10.55 11.74
CA THR G 87 -7.99 9.14 11.63
C THR G 87 -6.52 8.88 12.01
N PHE G 88 -6.30 7.91 12.91
CA PHE G 88 -5.02 7.57 13.51
C PHE G 88 -4.79 6.09 13.41
N HIS G 89 -3.51 5.68 13.43
CA HIS G 89 -3.21 4.26 13.72
C HIS G 89 -1.91 4.16 14.47
N VAL G 90 -1.80 3.05 15.23
CA VAL G 90 -0.61 2.66 15.97
C VAL G 90 -0.22 1.18 15.54
N ASP G 91 0.81 0.63 16.18
CA ASP G 91 1.35 -0.65 15.69
C ASP G 91 0.89 -1.84 16.50
N THR G 92 0.22 -1.64 17.62
CA THR G 92 -0.39 -2.76 18.35
C THR G 92 -1.80 -2.42 18.86
N PRO G 93 -2.64 -3.46 19.12
CA PRO G 93 -3.97 -3.17 19.64
C PRO G 93 -3.91 -2.63 21.06
N GLU G 94 -2.90 -3.01 21.83
CA GLU G 94 -2.79 -2.58 23.20
C GLU G 94 -2.51 -1.08 23.25
N GLU G 95 -1.65 -0.60 22.35
CA GLU G 95 -1.34 0.82 22.26
C GLU G 95 -2.58 1.63 21.83
N ARG G 96 -3.32 1.08 20.88
CA ARG G 96 -4.49 1.77 20.46
C ARG G 96 -5.49 1.90 21.65
N GLU G 97 -5.69 0.81 22.40
CA GLU G 97 -6.60 0.82 23.51
C GLU G 97 -6.18 1.81 24.60
N GLU G 98 -4.88 1.94 24.83
CA GLU G 98 -4.41 2.97 25.74
C GLU G 98 -4.94 4.35 25.30
N TRP G 99 -4.83 4.65 24.02
CA TRP G 99 -5.32 5.94 23.51
C TRP G 99 -6.79 6.06 23.60
N THR G 100 -7.56 5.04 23.18
CA THR G 100 -9.00 5.23 23.16
C THR G 100 -9.57 5.22 24.58
N GLU G 101 -8.98 4.45 25.49
CA GLU G 101 -9.38 4.55 26.92
C GLU G 101 -9.08 5.96 27.47
N ALA G 102 -7.90 6.47 27.23
CA ALA G 102 -7.48 7.75 27.78
C ALA G 102 -8.33 8.89 27.24
N ILE G 103 -8.58 8.85 25.92
CA ILE G 103 -9.42 9.87 25.29
C ILE G 103 -10.81 9.85 25.88
N GLN G 104 -11.44 8.69 25.97
CA GLN G 104 -12.79 8.64 26.54
C GLN G 104 -12.81 9.10 28.00
N ALA G 105 -11.77 8.75 28.76
CA ALA G 105 -11.76 9.08 30.17
C ALA G 105 -11.62 10.61 30.35
N VAL G 106 -10.83 11.24 29.49
CA VAL G 106 -10.74 12.71 29.51
C VAL G 106 -12.07 13.36 29.11
N ALA G 107 -12.71 12.84 28.05
CA ALA G 107 -14.02 13.35 27.64
C ALA G 107 -15.04 13.17 28.75
N ASP G 108 -15.04 12.03 29.43
CA ASP G 108 -16.01 11.82 30.52
C ASP G 108 -15.83 12.80 31.69
N ARG G 109 -14.56 13.07 32.02
CA ARG G 109 -14.26 14.06 33.05
C ARG G 109 -14.74 15.44 32.65
N LEU G 110 -14.51 15.83 31.40
CA LEU G 110 -14.95 17.18 30.95
C LEU G 110 -16.49 17.28 31.03
N GLN G 111 -17.19 16.19 30.69
CA GLN G 111 -18.64 16.20 30.66
C GLN G 111 -19.18 16.33 32.07
N ARG G 112 -18.58 15.60 33.00
CA ARG G 112 -18.98 15.69 34.42
C ARG G 112 -18.71 17.12 34.88
N GLN G 113 -17.62 17.72 34.49
CA GLN G 113 -17.36 19.10 34.91
C GLN G 113 -18.41 20.08 34.39
N GLU G 114 -18.81 19.95 33.12
CA GLU G 114 -19.89 20.74 32.54
C GLU G 114 -21.18 20.57 33.33
N GLU G 115 -21.51 19.34 33.71
CA GLU G 115 -22.74 19.06 34.48
C GLU G 115 -22.68 19.72 35.85
N GLU G 116 -21.50 19.74 36.44
CA GLU G 116 -21.34 20.40 37.72
C GLU G 116 -21.54 21.91 37.64
N ARG G 117 -21.12 22.51 36.55
CA ARG G 117 -21.22 23.95 36.37
C ARG G 117 -22.70 24.35 36.26
N MET G 118 -23.44 23.63 35.41
CA MET G 118 -24.86 23.90 35.17
C MET G 118 -25.78 23.53 36.34
N ASN G 119 -25.33 22.64 37.22
CA ASN G 119 -26.15 22.15 38.34
C ASN G 119 -27.40 21.42 37.82
N ASP H 4 22.45 18.20 9.16
CA ASP H 4 23.02 18.75 7.90
C ASP H 4 22.79 17.84 6.70
N VAL H 5 22.97 18.41 5.52
CA VAL H 5 22.97 17.65 4.25
C VAL H 5 24.25 16.83 4.16
N THR H 6 24.14 15.58 3.72
CA THR H 6 25.30 14.70 3.58
C THR H 6 25.30 13.99 2.21
N ILE H 7 26.48 13.51 1.82
CA ILE H 7 26.66 12.68 0.65
C ILE H 7 26.24 11.24 0.93
N VAL H 8 25.30 10.76 0.16
CA VAL H 8 24.75 9.42 0.31
C VAL H 8 25.52 8.42 -0.56
N LYS H 9 25.94 8.90 -1.74
CA LYS H 9 26.76 8.11 -2.63
C LYS H 9 27.47 9.02 -3.61
N GLU H 10 28.68 8.66 -3.97
CA GLU H 10 29.44 9.32 -5.01
C GLU H 10 30.26 8.31 -5.79
N GLY H 11 30.58 8.66 -7.02
CA GLY H 11 31.32 7.74 -7.87
C GLY H 11 31.31 8.13 -9.32
N TRP H 12 32.13 7.40 -10.09
CA TRP H 12 32.21 7.60 -11.53
C TRP H 12 31.08 6.90 -12.26
N VAL H 13 30.49 7.61 -13.23
CA VAL H 13 29.47 7.00 -14.10
C VAL H 13 29.74 7.41 -15.53
N GLN H 14 29.21 6.67 -16.46
CA GLN H 14 29.09 7.16 -17.83
C GLN H 14 27.68 7.74 -17.96
N LYS H 15 27.59 8.93 -18.54
CA LYS H 15 26.30 9.60 -18.72
C LYS H 15 26.13 9.99 -20.15
N ARG H 16 24.95 9.74 -20.70
CA ARG H 16 24.65 10.16 -22.08
C ARG H 16 24.55 11.69 -22.11
N GLY H 17 25.13 12.28 -23.15
CA GLY H 17 25.15 13.73 -23.22
C GLY H 17 23.79 14.35 -23.38
N GLU H 18 23.69 15.63 -23.05
CA GLU H 18 22.43 16.32 -23.09
C GLU H 18 22.12 16.87 -24.44
N TYR H 19 23.10 17.07 -25.31
CA TYR H 19 22.87 17.55 -26.67
C TYR H 19 23.20 16.43 -27.64
N ILE H 20 24.46 15.97 -27.59
CA ILE H 20 24.92 14.79 -28.33
C ILE H 20 24.76 13.58 -27.43
N LYS H 21 24.12 12.53 -27.93
N LYS H 21 24.15 12.52 -27.92
CA LYS H 21 23.82 11.34 -27.12
CA LYS H 21 23.76 11.41 -27.00
C LYS H 21 24.93 10.31 -27.19
C LYS H 21 24.88 10.43 -26.61
N ASN H 22 26.13 10.77 -26.90
N ASN H 22 26.07 10.71 -27.07
CA ASN H 22 27.26 9.92 -26.75
C ASN H 22 27.55 9.85 -25.24
C ASN H 22 27.38 9.74 -25.25
N TRP H 23 28.22 8.79 -24.84
CA TRP H 23 28.51 8.52 -23.42
C TRP H 23 29.81 9.24 -23.04
N ARG H 24 29.81 9.88 -21.87
CA ARG H 24 30.99 10.62 -21.36
C ARG H 24 31.09 10.43 -19.85
N PRO H 25 32.30 10.47 -19.31
CA PRO H 25 32.48 10.25 -17.89
C PRO H 25 32.00 11.42 -17.08
N ARG H 26 31.39 11.11 -15.93
CA ARG H 26 31.02 12.11 -14.95
C ARG H 26 31.28 11.55 -13.58
N TYR H 27 31.78 12.40 -12.69
CA TYR H 27 31.83 12.07 -11.27
C TYR H 27 30.63 12.70 -10.59
N PHE H 28 29.71 11.86 -10.10
CA PHE H 28 28.49 12.35 -9.47
C PHE H 28 28.44 12.22 -7.96
N LEU H 29 27.79 13.19 -7.36
CA LEU H 29 27.52 13.21 -5.91
C LEU H 29 26.04 13.28 -5.73
N LEU H 30 25.47 12.34 -4.97
CA LEU H 30 24.09 12.38 -4.54
C LEU H 30 24.00 12.77 -3.07
N LYS H 31 23.25 13.83 -2.78
CA LYS H 31 23.11 14.29 -1.40
C LYS H 31 21.71 14.13 -0.86
N THR H 32 21.60 14.19 0.49
CA THR H 32 20.35 13.97 1.16
C THR H 32 19.26 15.02 0.83
N ASP H 33 19.63 16.20 0.34
CA ASP H 33 18.65 17.17 -0.17
C ASP H 33 18.08 16.91 -1.56
N GLY H 34 18.47 15.79 -2.18
CA GLY H 34 18.03 15.50 -3.51
C GLY H 34 18.92 15.97 -4.63
N SER H 35 19.95 16.76 -4.31
CA SER H 35 20.83 17.25 -5.34
C SER H 35 21.64 16.09 -5.88
N PHE H 36 21.80 16.09 -7.20
CA PHE H 36 22.55 15.08 -7.92
C PHE H 36 23.42 15.87 -8.89
N ILE H 37 24.69 16.00 -8.52
CA ILE H 37 25.61 16.95 -9.12
C ILE H 37 26.75 16.20 -9.78
N GLY H 38 26.97 16.51 -11.06
CA GLY H 38 28.02 15.86 -11.85
C GLY H 38 29.17 16.78 -12.16
N TYR H 39 30.36 16.23 -12.11
CA TYR H 39 31.60 16.96 -12.34
C TYR H 39 32.46 16.27 -13.37
N LYS H 40 33.36 17.05 -13.98
CA LYS H 40 34.37 16.51 -14.88
C LYS H 40 35.31 15.54 -14.18
N GLU H 41 35.65 15.81 -12.93
CA GLU H 41 36.41 14.85 -12.14
C GLU H 41 36.08 15.00 -10.69
N LYS H 42 36.68 14.18 -9.82
CA LYS H 42 36.34 14.27 -8.38
C LYS H 42 36.61 15.69 -7.87
N PRO H 43 35.65 16.30 -7.16
CA PRO H 43 35.86 17.68 -6.69
C PRO H 43 37.08 17.80 -5.79
N GLN H 44 37.31 16.79 -4.95
CA GLN H 44 38.53 16.70 -4.10
C GLN H 44 39.83 17.04 -4.85
N ASP H 45 39.96 16.56 -6.08
CA ASP H 45 41.23 16.59 -6.82
C ASP H 45 41.48 17.89 -7.62
N VAL H 46 40.54 18.84 -7.56
CA VAL H 46 40.66 20.08 -8.33
C VAL H 46 40.26 21.30 -7.48
N ASP H 47 40.86 22.46 -7.77
CA ASP H 47 40.60 23.67 -6.99
C ASP H 47 39.23 24.30 -7.28
N LEU H 48 38.79 24.21 -8.54
CA LEU H 48 37.59 24.91 -9.02
C LEU H 48 36.67 23.95 -9.77
N PRO H 49 36.03 23.06 -9.01
CA PRO H 49 35.14 22.11 -9.65
C PRO H 49 33.76 22.71 -9.94
N TYR H 50 33.67 23.40 -11.06
CA TYR H 50 32.38 23.90 -11.54
C TYR H 50 31.56 22.68 -11.94
N PRO H 51 30.32 22.59 -11.46
CA PRO H 51 29.55 21.42 -11.88
C PRO H 51 29.24 21.44 -13.36
N LEU H 52 29.27 20.26 -13.99
CA LEU H 52 28.78 20.12 -15.37
C LEU H 52 27.29 19.76 -15.44
N ASN H 53 26.77 19.20 -14.34
CA ASN H 53 25.39 18.77 -14.27
C ASN H 53 24.84 19.10 -12.89
N ASN H 54 23.61 19.58 -12.81
CA ASN H 54 23.00 19.91 -11.53
C ASN H 54 21.51 19.71 -11.60
N PHE H 55 21.03 18.62 -10.98
CA PHE H 55 19.62 18.43 -10.95
C PHE H 55 19.11 17.80 -9.69
N SER H 56 17.81 17.80 -9.50
CA SER H 56 17.21 17.17 -8.32
C SER H 56 16.61 15.86 -8.71
N VAL H 57 16.71 14.89 -7.79
CA VAL H 57 16.06 13.61 -7.97
C VAL H 57 14.75 13.47 -7.22
N ALA H 58 14.27 14.57 -6.65
CA ALA H 58 12.93 14.59 -6.02
C ALA H 58 11.85 14.07 -6.98
N LYS H 59 11.03 13.16 -6.48
CA LYS H 59 9.90 12.58 -7.22
C LYS H 59 10.26 11.94 -8.53
N CYS H 60 11.46 11.38 -8.59
CA CYS H 60 11.87 10.77 -9.84
C CYS H 60 11.25 9.41 -10.06
N GLN H 61 11.29 9.01 -11.32
CA GLN H 61 11.03 7.65 -11.73
C GLN H 61 12.35 7.04 -12.21
N LEU H 62 12.55 5.74 -11.95
CA LEU H 62 13.76 5.05 -12.27
C LEU H 62 13.45 3.81 -13.05
N MET H 63 14.25 3.56 -14.08
CA MET H 63 14.17 2.33 -14.84
C MET H 63 15.56 1.75 -15.02
N LYS H 64 15.69 0.43 -15.00
CA LYS H 64 16.95 -0.25 -15.22
C LYS H 64 16.86 -1.11 -16.47
N THR H 65 17.87 -1.00 -17.31
CA THR H 65 17.87 -1.68 -18.59
C THR H 65 19.26 -2.27 -18.90
N GLU H 66 19.32 -3.18 -19.88
CA GLU H 66 20.58 -3.75 -20.33
C GLU H 66 20.94 -3.47 -21.78
N ARG H 67 20.06 -2.78 -22.50
CA ARG H 67 20.25 -2.50 -23.91
C ARG H 67 19.90 -1.06 -24.18
N PRO H 68 20.70 -0.34 -25.00
CA PRO H 68 21.87 -0.90 -25.70
C PRO H 68 23.09 -1.24 -24.84
N LYS H 69 23.23 -0.62 -23.67
CA LYS H 69 24.36 -0.90 -22.80
C LYS H 69 23.97 -1.61 -21.51
N PRO H 70 24.74 -2.63 -21.11
CA PRO H 70 24.50 -3.24 -19.81
C PRO H 70 24.63 -2.27 -18.62
N ASN H 71 23.92 -2.58 -17.54
CA ASN H 71 24.05 -1.81 -16.27
C ASN H 71 23.63 -0.34 -16.43
N THR H 72 22.60 -0.11 -17.22
CA THR H 72 22.04 1.23 -17.47
C THR H 72 20.96 1.51 -16.46
N PHE H 73 20.91 2.76 -15.96
CA PHE H 73 19.77 3.26 -15.26
C PHE H 73 19.36 4.58 -15.88
N ILE H 74 18.05 4.81 -15.91
CA ILE H 74 17.40 5.97 -16.49
C ILE H 74 16.60 6.66 -15.40
N ILE H 75 16.72 8.00 -15.31
CA ILE H 75 15.97 8.80 -14.38
C ILE H 75 15.05 9.72 -15.19
N ARG H 76 13.79 9.85 -14.74
CA ARG H 76 12.77 10.74 -15.35
C ARG H 76 12.16 11.57 -14.20
N CYS H 77 12.07 12.89 -14.41
CA CYS H 77 11.27 13.79 -13.59
C CYS H 77 10.33 14.60 -14.45
N LEU H 78 9.14 14.88 -13.90
CA LEU H 78 8.07 15.57 -14.63
C LEU H 78 8.52 16.84 -15.32
N GLN H 79 9.27 17.66 -14.59
CA GLN H 79 9.60 18.99 -15.05
C GLN H 79 10.76 19.04 -16.05
N TRP H 80 11.33 17.88 -16.36
CA TRP H 80 12.41 17.83 -17.33
C TRP H 80 11.90 17.77 -18.74
N THR H 81 11.24 18.83 -19.15
CA THR H 81 10.56 18.75 -20.42
C THR H 81 11.48 18.87 -21.63
N THR H 82 12.69 19.41 -21.46
CA THR H 82 13.66 19.50 -22.58
C THR H 82 14.29 18.13 -22.85
N VAL H 83 14.92 17.54 -21.83
CA VAL H 83 15.68 16.31 -22.07
C VAL H 83 14.88 15.03 -21.87
N ILE H 84 13.79 15.15 -21.11
CA ILE H 84 12.86 14.06 -20.83
C ILE H 84 13.41 13.12 -19.73
N GLU H 85 14.57 12.51 -20.05
CA GLU H 85 15.19 11.52 -19.16
C GLU H 85 16.70 11.67 -19.29
N ARG H 86 17.39 11.24 -18.24
CA ARG H 86 18.84 11.20 -18.19
C ARG H 86 19.27 9.75 -18.01
N THR H 87 20.33 9.38 -18.71
CA THR H 87 20.67 7.97 -18.95
C THR H 87 22.14 7.76 -18.55
N PHE H 88 22.37 6.75 -17.72
CA PHE H 88 23.63 6.48 -17.04
C PHE H 88 23.96 5.00 -17.19
N HIS H 89 25.24 4.65 -17.23
CA HIS H 89 25.61 3.26 -16.99
C HIS H 89 26.90 3.20 -16.17
N VAL H 90 27.05 2.06 -15.50
CA VAL H 90 28.22 1.78 -14.68
C VAL H 90 28.76 0.39 -15.08
N ASP H 91 29.89 0.00 -14.50
CA ASP H 91 30.62 -1.18 -14.96
C ASP H 91 30.05 -2.49 -14.45
N THR H 92 29.28 -2.45 -13.35
CA THR H 92 28.71 -3.66 -12.76
C THR H 92 27.25 -3.50 -12.35
N PRO H 93 26.49 -4.58 -12.31
CA PRO H 93 25.10 -4.46 -11.87
C PRO H 93 25.00 -4.07 -10.39
N GLU H 94 25.97 -4.50 -9.57
CA GLU H 94 25.97 -4.13 -8.15
C GLU H 94 26.08 -2.63 -7.96
N GLU H 95 26.96 -1.98 -8.72
CA GLU H 95 27.14 -0.55 -8.64
C GLU H 95 25.85 0.13 -9.09
N ARG H 96 25.22 -0.38 -10.15
CA ARG H 96 23.98 0.21 -10.64
C ARG H 96 22.90 0.19 -9.55
N GLU H 97 22.75 -0.94 -8.89
CA GLU H 97 21.75 -1.08 -7.85
C GLU H 97 22.06 -0.19 -6.65
N GLU H 98 23.33 0.03 -6.32
CA GLU H 98 23.65 0.98 -5.27
C GLU H 98 23.07 2.34 -5.66
N TRP H 99 23.31 2.76 -6.89
CA TRP H 99 22.80 4.07 -7.31
C TRP H 99 21.27 4.17 -7.29
N THR H 100 20.56 3.18 -7.80
CA THR H 100 19.11 3.31 -7.93
C THR H 100 18.47 3.12 -6.53
N GLU H 101 19.07 2.33 -5.65
CA GLU H 101 18.62 2.26 -4.24
C GLU H 101 18.78 3.62 -3.54
N ALA H 102 19.95 4.23 -3.72
CA ALA H 102 20.32 5.47 -3.04
C ALA H 102 19.40 6.58 -3.54
N ILE H 103 19.22 6.64 -4.86
CA ILE H 103 18.37 7.71 -5.47
C ILE H 103 16.97 7.59 -4.97
N GLN H 104 16.42 6.39 -5.00
CA GLN H 104 15.01 6.23 -4.54
C GLN H 104 14.88 6.54 -3.05
N ALA H 105 15.88 6.13 -2.26
CA ALA H 105 15.83 6.38 -0.79
C ALA H 105 15.90 7.87 -0.49
N VAL H 106 16.75 8.63 -1.20
CA VAL H 106 16.73 10.09 -1.08
C VAL H 106 15.37 10.66 -1.46
N ALA H 107 14.81 10.25 -2.61
CA ALA H 107 13.47 10.74 -3.02
C ALA H 107 12.41 10.43 -2.00
N ASP H 108 12.42 9.22 -1.46
CA ASP H 108 11.42 8.86 -0.43
C ASP H 108 11.53 9.76 0.81
N ARG H 109 12.76 9.97 1.28
CA ARG H 109 12.99 10.77 2.46
C ARG H 109 12.47 12.18 2.29
N LEU H 110 12.71 12.76 1.11
CA LEU H 110 12.20 14.09 0.84
C LEU H 110 10.67 14.12 0.88
N GLN H 111 10.03 13.08 0.39
CA GLN H 111 8.55 13.04 0.46
C GLN H 111 8.04 12.83 1.88
N ARG H 112 8.70 11.97 2.63
CA ARG H 112 8.24 11.68 4.00
C ARG H 112 8.44 12.92 4.87
N GLN H 113 9.55 13.58 4.64
CA GLN H 113 9.86 14.80 5.39
C GLN H 113 8.84 15.89 5.17
N GLU H 114 8.41 16.05 3.91
CA GLU H 114 7.37 17.07 3.61
C GLU H 114 6.07 16.80 4.41
N GLU H 115 5.57 15.56 4.34
CA GLU H 115 4.38 15.18 5.08
C GLU H 115 4.54 15.48 6.59
N GLU H 116 5.69 15.15 7.16
CA GLU H 116 5.93 15.41 8.59
C GLU H 116 5.92 16.91 8.94
N ARG H 117 6.11 17.79 7.96
CA ARG H 117 5.92 19.27 8.20
C ARG H 117 4.50 19.86 8.04
N MET H 118 3.54 19.03 7.64
CA MET H 118 2.17 19.43 7.25
C MET H 118 1.05 19.06 8.27
N ASN H 119 -0.10 19.71 8.25
CA ASN H 119 -1.19 19.43 9.22
C ASN H 119 -1.85 18.04 9.06
#